data_3ZGJ
#
_entry.id   3ZGJ
#
_cell.length_a   122.870
_cell.length_b   122.870
_cell.length_c   54.860
_cell.angle_alpha   90.00
_cell.angle_beta   90.00
_cell.angle_gamma   90.00
#
_symmetry.space_group_name_H-M   'P 4'
#
loop_
_entity.id
_entity.type
_entity.pdbx_description
1 polymer '4-HYDROXYPHENYLPYRUVIC ACID DIOXYGENASE'
2 non-polymer 'COBALT (II) ION'
3 non-polymer '(R)-MANDELIC ACID'
4 water water
#
_entity_poly.entity_id   1
_entity_poly.type   'polypeptide(L)'
_entity_poly.pdbx_seq_one_letter_code
;MLPPFPFLHWRAAMPPSDIAYAELYVADDREASGFLVDSLGFVPLAVAGPATGTHDRRSTVLRSGEVTLVVTQALAPDTP
VARYVERHGDSIADLAFGCDDVRSCFDRAVLAGAEALQAPTPSHRAGQDAWFATVSGFGDIRHTLVPAADGDGAGLLPPD
RDWALLPAATGRTGPRPLLDHVAVCLESGTLRSTAEFYEAAFDMPYYSSEYIEVGEQAMDMIFVRNAGGGITFTLIEPDD
TRVPGQIDQFLSAHDGPGVQHLAFLVDDIVGSVRSLGDRGVAFLRTPGAYYDLLTERVGAMADAIEDLRETNVLADRDEW
GYLLQIFTRSPYPRGTLFYEYIQRNGARGFGSSNIKALAEAVEREREVAGR
;
_entity_poly.pdbx_strand_id   A,B
#
# COMPACT_ATOMS: atom_id res chain seq x y z
N PRO A 15 -11.36 1.88 17.08
CA PRO A 15 -10.52 0.72 16.83
C PRO A 15 -9.28 0.68 17.81
N PRO A 16 -8.49 -0.42 17.79
CA PRO A 16 -7.34 -0.65 18.72
C PRO A 16 -6.35 0.46 18.65
N SER A 17 -5.90 0.99 19.80
CA SER A 17 -4.78 1.93 19.71
C SER A 17 -3.34 1.33 19.75
N ASP A 18 -3.15 0.19 20.42
CA ASP A 18 -1.81 -0.31 20.77
C ASP A 18 -1.85 -1.81 20.86
N ILE A 19 -0.66 -2.42 20.84
CA ILE A 19 -0.59 -3.83 21.14
C ILE A 19 -0.45 -3.94 22.72
N ALA A 20 -1.44 -4.55 23.37
CA ALA A 20 -1.49 -4.83 24.82
C ALA A 20 -0.34 -5.78 25.20
N TYR A 21 -0.27 -6.93 24.53
CA TYR A 21 0.82 -7.89 24.74
C TYR A 21 0.85 -8.91 23.62
N ALA A 22 1.96 -9.65 23.51
CA ALA A 22 2.03 -10.81 22.62
C ALA A 22 2.18 -12.03 23.50
N GLU A 23 1.44 -13.07 23.18
CA GLU A 23 1.53 -14.34 23.93
C GLU A 23 2.20 -15.46 23.12
N LEU A 24 3.33 -15.94 23.67
CA LEU A 24 4.11 -17.02 23.15
C LEU A 24 3.70 -18.36 23.73
N TYR A 25 3.31 -19.31 22.89
CA TYR A 25 3.01 -20.68 23.29
C TYR A 25 4.24 -21.48 23.05
N VAL A 26 4.71 -22.23 24.06
CA VAL A 26 5.99 -22.89 23.98
C VAL A 26 5.92 -24.35 24.54
N ALA A 27 6.84 -25.20 24.09
CA ALA A 27 6.94 -26.53 24.65
C ALA A 27 7.59 -26.55 26.10
N ASP A 28 8.52 -25.64 26.37
CA ASP A 28 9.34 -25.64 27.56
C ASP A 28 9.44 -24.18 28.05
N ASP A 29 8.62 -23.76 29.05
CA ASP A 29 8.75 -22.33 29.42
C ASP A 29 10.01 -22.06 30.18
N ARG A 30 10.59 -23.06 30.85
CA ARG A 30 11.93 -22.80 31.47
CA ARG A 30 11.93 -22.76 31.47
C ARG A 30 12.92 -22.28 30.42
N GLU A 31 12.92 -22.95 29.26
CA GLU A 31 13.94 -22.54 28.26
C GLU A 31 13.59 -21.15 27.65
N ALA A 32 12.33 -21.01 27.24
CA ALA A 32 11.86 -19.81 26.51
C ALA A 32 11.93 -18.61 27.40
N SER A 33 11.40 -18.70 28.64
CA SER A 33 11.42 -17.54 29.54
C SER A 33 12.85 -17.28 29.98
N GLY A 34 13.62 -18.35 30.28
CA GLY A 34 15.04 -18.16 30.54
C GLY A 34 15.77 -17.31 29.52
N PHE A 35 15.54 -17.55 28.22
CA PHE A 35 16.25 -16.74 27.20
C PHE A 35 15.72 -15.30 27.28
N LEU A 36 14.41 -15.13 27.39
CA LEU A 36 13.86 -13.72 27.38
C LEU A 36 14.28 -12.87 28.59
N VAL A 37 14.34 -13.54 29.72
CA VAL A 37 14.80 -12.93 30.99
C VAL A 37 16.32 -12.83 31.09
N ASP A 38 17.00 -13.98 31.02
CA ASP A 38 18.48 -14.00 31.31
C ASP A 38 19.26 -13.38 30.18
N SER A 39 18.83 -13.59 28.91
CA SER A 39 19.54 -12.93 27.80
C SER A 39 19.01 -11.57 27.41
N LEU A 40 17.70 -11.50 27.05
CA LEU A 40 17.15 -10.21 26.63
C LEU A 40 16.85 -9.24 27.74
N GLY A 41 16.83 -9.69 29.00
CA GLY A 41 16.53 -8.71 30.05
C GLY A 41 15.07 -8.44 30.38
N PHE A 42 14.12 -9.30 29.98
CA PHE A 42 12.73 -9.08 30.38
C PHE A 42 12.63 -9.38 31.89
N VAL A 43 11.68 -8.77 32.58
CA VAL A 43 11.43 -9.02 33.99
C VAL A 43 10.10 -9.74 34.17
N PRO A 44 10.11 -10.88 34.92
CA PRO A 44 8.82 -11.46 35.27
C PRO A 44 7.96 -10.60 36.19
N LEU A 45 6.67 -10.46 35.86
CA LEU A 45 5.75 -9.56 36.63
C LEU A 45 4.71 -10.41 37.37
N ALA A 46 4.31 -11.53 36.80
CA ALA A 46 3.13 -12.23 37.30
C ALA A 46 3.04 -13.56 36.70
N VAL A 47 2.37 -14.47 37.40
CA VAL A 47 2.26 -15.85 36.91
C VAL A 47 0.89 -16.38 37.18
N ALA A 48 0.49 -17.37 36.38
CA ALA A 48 -0.79 -18.08 36.56
C ALA A 48 -0.53 -19.56 36.34
N GLY A 49 -1.36 -20.39 36.94
CA GLY A 49 -1.13 -21.83 36.86
C GLY A 49 -2.11 -22.49 37.84
N PRO A 50 -1.94 -23.77 38.10
CA PRO A 50 -2.93 -24.51 38.91
C PRO A 50 -3.25 -23.80 40.23
N ALA A 51 -2.27 -23.20 40.91
CA ALA A 51 -2.59 -22.56 42.22
C ALA A 51 -3.46 -21.32 42.10
N THR A 52 -3.51 -20.71 40.88
CA THR A 52 -4.36 -19.54 40.69
C THR A 52 -5.68 -19.96 39.95
N GLY A 53 -5.86 -21.24 39.69
CA GLY A 53 -7.14 -21.72 39.11
C GLY A 53 -7.05 -21.97 37.60
N THR A 54 -5.83 -21.92 37.05
CA THR A 54 -5.57 -22.22 35.63
C THR A 54 -4.93 -23.57 35.52
N HIS A 55 -5.74 -24.60 35.32
CA HIS A 55 -5.22 -25.99 35.42
C HIS A 55 -4.53 -26.56 34.22
N ASP A 56 -4.80 -26.05 33.02
CA ASP A 56 -4.21 -26.73 31.86
C ASP A 56 -2.89 -26.12 31.37
N ARG A 57 -2.45 -25.03 31.98
CA ARG A 57 -1.24 -24.37 31.51
C ARG A 57 -0.63 -23.50 32.59
N ARG A 58 0.68 -23.24 32.47
CA ARG A 58 1.38 -22.25 33.25
C ARG A 58 1.71 -21.05 32.39
N SER A 59 1.36 -19.83 32.85
CA SER A 59 1.70 -18.59 32.09
C SER A 59 2.47 -17.60 32.93
N THR A 60 3.41 -16.90 32.30
CA THR A 60 4.22 -15.89 32.97
C THR A 60 4.17 -14.62 32.12
N VAL A 61 3.84 -13.52 32.76
CA VAL A 61 3.92 -12.22 32.13
C VAL A 61 5.32 -11.65 32.30
N LEU A 62 5.96 -11.27 31.18
CA LEU A 62 7.26 -10.66 31.22
C LEU A 62 7.19 -9.31 30.68
N ARG A 63 7.99 -8.39 31.21
CA ARG A 63 7.96 -7.02 30.66
C ARG A 63 9.32 -6.40 30.53
N SER A 64 9.48 -5.54 29.53
CA SER A 64 10.66 -4.74 29.43
C SER A 64 10.23 -3.43 28.81
N GLY A 65 10.43 -2.32 29.54
CA GLY A 65 9.86 -1.03 29.14
C GLY A 65 8.38 -1.16 28.91
N GLU A 66 7.91 -0.83 27.71
CA GLU A 66 6.54 -1.01 27.41
C GLU A 66 6.26 -2.28 26.65
N VAL A 67 7.21 -3.19 26.54
CA VAL A 67 6.87 -4.43 25.80
C VAL A 67 6.42 -5.47 26.80
N THR A 68 5.22 -6.03 26.62
CA THR A 68 4.75 -7.17 27.46
C THR A 68 4.64 -8.46 26.64
N LEU A 69 5.29 -9.54 27.09
CA LEU A 69 5.18 -10.87 26.45
C LEU A 69 4.63 -11.76 27.52
N VAL A 70 3.85 -12.76 27.12
CA VAL A 70 3.28 -13.72 28.04
C VAL A 70 3.86 -15.04 27.50
N VAL A 71 4.46 -15.87 28.38
CA VAL A 71 5.03 -17.13 27.91
C VAL A 71 4.17 -18.20 28.53
N THR A 72 3.65 -19.10 27.70
CA THR A 72 2.64 -20.04 28.17
C THR A 72 3.00 -21.44 27.75
N GLN A 73 2.90 -22.39 28.70
CA GLN A 73 3.25 -23.79 28.43
C GLN A 73 2.12 -24.70 28.88
N ALA A 74 1.77 -25.69 28.07
CA ALA A 74 0.72 -26.57 28.44
C ALA A 74 1.21 -27.46 29.57
N LEU A 75 0.26 -27.82 30.41
CA LEU A 75 0.57 -28.74 31.54
C LEU A 75 -0.10 -30.10 31.36
N ALA A 76 -0.74 -30.33 30.22
CA ALA A 76 -1.43 -31.61 29.90
C ALA A 76 -1.38 -31.78 28.37
N PRO A 77 -1.17 -33.02 27.88
CA PRO A 77 -1.19 -33.17 26.41
C PRO A 77 -2.62 -33.09 25.85
N ASP A 78 -2.73 -32.83 24.53
CA ASP A 78 -4.01 -32.68 23.84
C ASP A 78 -4.92 -31.59 24.42
N THR A 79 -4.34 -30.50 24.95
CA THR A 79 -5.08 -29.27 25.23
C THR A 79 -4.86 -28.34 24.03
N PRO A 80 -5.63 -27.23 23.91
CA PRO A 80 -5.40 -26.33 22.75
C PRO A 80 -3.94 -25.83 22.66
N VAL A 81 -3.34 -25.41 23.79
CA VAL A 81 -1.94 -24.98 23.77
C VAL A 81 -1.01 -26.05 23.31
N ALA A 82 -1.18 -27.25 23.85
CA ALA A 82 -0.33 -28.37 23.48
C ALA A 82 -0.54 -28.68 21.98
N ARG A 83 -1.79 -28.64 21.54
CA ARG A 83 -2.07 -28.90 20.11
C ARG A 83 -1.42 -27.80 19.24
N TYR A 84 -1.63 -26.55 19.61
CA TYR A 84 -0.88 -25.45 18.91
C TYR A 84 0.65 -25.70 18.79
N VAL A 85 1.32 -25.94 19.92
CA VAL A 85 2.75 -26.08 19.91
C VAL A 85 3.16 -27.36 19.15
N GLU A 86 2.33 -28.41 19.16
CA GLU A 86 2.77 -29.56 18.36
C GLU A 86 2.77 -29.16 16.85
N ARG A 87 1.75 -28.41 16.42
CA ARG A 87 1.67 -27.97 15.00
C ARG A 87 2.79 -27.00 14.59
N HIS A 88 2.87 -25.86 15.31
CA HIS A 88 3.74 -24.71 14.96
C HIS A 88 5.14 -24.65 15.58
N GLY A 89 5.38 -25.40 16.66
CA GLY A 89 6.64 -25.16 17.45
C GLY A 89 6.36 -23.97 18.37
N ASP A 90 7.38 -23.53 19.10
CA ASP A 90 7.27 -22.32 19.92
C ASP A 90 6.89 -21.17 18.96
N SER A 91 5.85 -20.43 19.30
CA SER A 91 5.27 -19.46 18.33
C SER A 91 4.38 -18.45 19.03
N ILE A 92 4.28 -17.24 18.49
CA ILE A 92 3.28 -16.25 18.99
C ILE A 92 1.85 -16.67 18.56
N ALA A 93 0.94 -16.97 19.49
CA ALA A 93 -0.43 -17.39 19.19
C ALA A 93 -1.41 -16.27 19.38
N ASP A 94 -1.01 -15.21 20.05
CA ASP A 94 -1.94 -14.14 20.37
C ASP A 94 -1.26 -12.81 20.28
N LEU A 95 -1.81 -11.94 19.43
CA LEU A 95 -1.39 -10.53 19.44
C LEU A 95 -2.57 -9.76 19.99
N ALA A 96 -2.47 -9.32 21.26
CA ALA A 96 -3.62 -8.63 21.96
C ALA A 96 -3.62 -7.16 21.73
N PHE A 97 -4.82 -6.64 21.40
CA PHE A 97 -4.99 -5.21 21.14
C PHE A 97 -5.64 -4.54 22.35
N GLY A 98 -5.10 -3.39 22.75
CA GLY A 98 -5.71 -2.47 23.67
C GLY A 98 -6.66 -1.47 22.99
N CYS A 99 -7.90 -1.42 23.49
CA CYS A 99 -9.03 -0.66 22.91
C CYS A 99 -9.62 0.28 23.95
N ASP A 100 -9.85 1.54 23.58
CA ASP A 100 -10.58 2.51 24.43
C ASP A 100 -11.99 2.03 24.74
N ASP A 101 -12.60 1.34 23.78
CA ASP A 101 -13.89 0.73 23.96
C ASP A 101 -13.86 -0.60 23.23
N VAL A 102 -13.87 -1.67 24.00
CA VAL A 102 -13.68 -3.03 23.47
C VAL A 102 -14.87 -3.46 22.64
N ARG A 103 -16.07 -3.11 23.10
CA ARG A 103 -17.29 -3.53 22.42
C ARG A 103 -17.26 -3.01 20.97
N SER A 104 -16.94 -1.72 20.83
CA SER A 104 -16.77 -1.06 19.55
C SER A 104 -15.67 -1.69 18.67
N CYS A 105 -14.50 -1.99 19.25
CA CYS A 105 -13.42 -2.69 18.51
C CYS A 105 -13.85 -4.07 18.02
N PHE A 106 -14.51 -4.82 18.89
CA PHE A 106 -15.02 -6.16 18.57
C PHE A 106 -16.07 -6.14 17.45
N ASP A 107 -16.92 -5.11 17.45
CA ASP A 107 -18.03 -5.04 16.48
C ASP A 107 -17.47 -4.73 15.12
N ARG A 108 -16.72 -3.62 15.05
CA ARG A 108 -15.95 -3.27 13.85
C ARG A 108 -15.14 -4.43 13.27
N ALA A 109 -14.57 -5.30 14.12
CA ALA A 109 -13.80 -6.46 13.63
C ALA A 109 -14.67 -7.56 13.07
N VAL A 110 -15.75 -7.88 13.78
CA VAL A 110 -16.68 -8.92 13.29
C VAL A 110 -17.32 -8.44 11.96
N LEU A 111 -17.68 -7.16 11.92
CA LEU A 111 -18.20 -6.53 10.70
C LEU A 111 -17.30 -6.79 9.49
N ALA A 112 -16.01 -6.51 9.65
CA ALA A 112 -15.00 -6.80 8.63
C ALA A 112 -14.76 -8.28 8.33
N GLY A 113 -15.50 -9.18 8.96
CA GLY A 113 -15.34 -10.61 8.64
C GLY A 113 -14.48 -11.37 9.67
N ALA A 114 -14.00 -10.71 10.74
CA ALA A 114 -13.21 -11.44 11.73
C ALA A 114 -14.15 -12.45 12.41
N GLU A 115 -13.71 -13.71 12.54
CA GLU A 115 -14.43 -14.70 13.32
C GLU A 115 -14.47 -14.36 14.83
N ALA A 116 -15.63 -14.51 15.47
CA ALA A 116 -15.75 -14.29 16.92
C ALA A 116 -15.30 -15.56 17.64
N LEU A 117 -14.09 -15.51 18.19
CA LEU A 117 -13.49 -16.68 18.85
C LEU A 117 -13.91 -16.78 20.32
N GLN A 118 -14.21 -15.65 20.95
CA GLN A 118 -14.84 -15.60 22.28
C GLN A 118 -15.52 -14.24 22.38
N ALA A 119 -16.80 -14.23 22.74
CA ALA A 119 -17.54 -12.98 22.65
C ALA A 119 -17.37 -12.24 23.97
N PRO A 120 -17.65 -10.91 23.99
CA PRO A 120 -17.28 -10.00 25.11
C PRO A 120 -17.71 -10.39 26.57
N THR A 121 -17.06 -11.44 27.09
CA THR A 121 -17.25 -11.92 28.49
C THR A 121 -16.54 -11.06 29.53
N PHE A 132 -13.26 -7.44 27.75
CA PHE A 132 -12.42 -8.41 27.03
C PHE A 132 -13.11 -9.44 26.09
N ALA A 133 -12.51 -9.61 24.90
CA ALA A 133 -13.03 -10.42 23.79
C ALA A 133 -11.87 -11.04 22.97
N THR A 134 -12.16 -12.06 22.16
CA THR A 134 -11.21 -12.59 21.18
C THR A 134 -11.73 -12.77 19.72
N VAL A 135 -11.11 -12.05 18.77
CA VAL A 135 -11.36 -12.26 17.31
C VAL A 135 -10.17 -12.92 16.55
N SER A 136 -10.44 -13.40 15.35
CA SER A 136 -9.40 -14.05 14.54
C SER A 136 -8.66 -13.01 13.72
N GLY A 137 -7.71 -13.49 12.94
CA GLY A 137 -6.80 -12.57 12.24
C GLY A 137 -6.17 -13.32 11.11
N PHE A 138 -4.94 -12.98 10.73
CA PHE A 138 -4.21 -13.82 9.75
C PHE A 138 -3.96 -15.23 10.26
N GLY A 139 -3.70 -16.16 9.35
CA GLY A 139 -3.54 -17.59 9.63
C GLY A 139 -4.41 -18.02 10.83
N ASP A 140 -3.81 -18.66 11.84
CA ASP A 140 -4.60 -19.07 13.01
C ASP A 140 -4.28 -18.22 14.28
N ILE A 141 -3.70 -17.04 14.09
CA ILE A 141 -3.54 -16.08 15.16
C ILE A 141 -4.83 -15.65 15.88
N ARG A 142 -4.69 -15.25 17.15
CA ARG A 142 -5.79 -14.70 17.87
C ARG A 142 -5.48 -13.25 18.17
N HIS A 143 -6.50 -12.44 18.28
CA HIS A 143 -6.37 -11.08 18.75
C HIS A 143 -7.35 -10.89 19.88
N THR A 144 -6.83 -10.91 21.11
CA THR A 144 -7.66 -10.68 22.25
C THR A 144 -7.77 -9.21 22.29
N LEU A 145 -8.94 -8.71 22.69
CA LEU A 145 -9.19 -7.28 22.66
C LEU A 145 -9.38 -6.87 24.13
N VAL A 146 -8.72 -5.79 24.61
CA VAL A 146 -8.65 -5.59 26.07
C VAL A 146 -8.63 -4.11 26.34
N PRO A 147 -9.03 -3.70 27.56
CA PRO A 147 -9.09 -2.25 27.76
C PRO A 147 -7.71 -1.62 27.66
N ALA A 148 -7.58 -0.52 26.94
CA ALA A 148 -6.34 0.21 26.90
C ALA A 148 -6.30 1.04 28.19
N LEU A 156 -1.53 -3.36 31.81
CA LEU A 156 -2.49 -4.22 32.49
C LEU A 156 -2.46 -5.68 31.95
N LEU A 157 -2.37 -6.63 32.89
CA LEU A 157 -2.21 -8.07 32.66
C LEU A 157 -3.37 -8.66 31.89
N PRO A 158 -3.17 -9.82 31.21
CA PRO A 158 -4.30 -10.38 30.49
C PRO A 158 -5.54 -10.64 31.34
N PRO A 159 -6.71 -10.28 30.80
CA PRO A 159 -7.94 -10.39 31.59
C PRO A 159 -8.59 -11.76 31.68
N ASP A 160 -8.10 -12.79 30.99
CA ASP A 160 -8.75 -14.13 31.01
C ASP A 160 -8.23 -15.07 32.12
N ARG A 161 -7.36 -14.62 33.02
CA ARG A 161 -6.87 -15.64 33.95
C ARG A 161 -6.57 -14.80 35.17
N ASP A 162 -6.29 -15.34 36.32
CA ASP A 162 -6.08 -14.46 37.51
C ASP A 162 -4.64 -14.68 37.82
N TRP A 163 -4.02 -13.64 38.29
CA TRP A 163 -2.54 -13.52 38.24
C TRP A 163 -2.03 -13.41 39.67
N ALA A 164 -1.09 -14.26 40.02
CA ALA A 164 -0.23 -13.96 41.20
C ALA A 164 0.95 -13.02 40.87
N LEU A 165 0.94 -11.84 41.47
CA LEU A 165 2.02 -10.79 41.27
C LEU A 165 3.35 -11.14 41.87
N LEU A 166 4.42 -10.79 41.13
CA LEU A 166 5.75 -10.70 41.70
C LEU A 166 5.98 -9.32 42.26
N PRO A 167 6.99 -9.17 43.15
CA PRO A 167 7.32 -7.81 43.67
C PRO A 167 7.55 -6.75 42.54
N ALA A 168 8.20 -7.19 41.47
CA ALA A 168 8.53 -6.34 40.30
C ALA A 168 7.27 -5.76 39.64
N ALA A 169 6.11 -6.38 39.79
CA ALA A 169 4.91 -5.93 39.15
C ALA A 169 4.48 -4.60 39.79
N THR A 170 5.02 -4.27 40.96
CA THR A 170 4.46 -3.18 41.79
C THR A 170 5.33 -1.95 41.61
N GLY A 171 6.23 -1.99 40.61
CA GLY A 171 7.21 -0.94 40.36
C GLY A 171 7.12 -0.30 38.97
N ARG A 172 7.72 0.88 38.81
CA ARG A 172 7.61 1.69 37.56
C ARG A 172 8.51 1.12 36.49
N THR A 173 8.00 1.11 35.27
CA THR A 173 8.73 0.58 34.11
C THR A 173 9.26 1.71 33.20
N GLY A 174 10.36 1.45 32.48
CA GLY A 174 10.96 2.48 31.60
C GLY A 174 10.04 2.77 30.40
N PRO A 175 10.27 3.89 29.68
CA PRO A 175 9.44 4.07 28.45
C PRO A 175 10.03 3.29 27.22
N ARG A 176 11.28 2.86 27.38
CA ARG A 176 11.94 2.01 26.39
C ARG A 176 12.37 0.74 27.08
N PRO A 177 12.44 -0.38 26.33
CA PRO A 177 12.02 -0.49 24.91
C PRO A 177 10.49 -0.40 24.67
N LEU A 178 10.08 -0.11 23.43
CA LEU A 178 8.69 -0.30 23.06
C LEU A 178 8.60 -1.14 21.82
N LEU A 179 7.42 -1.62 21.52
CA LEU A 179 7.30 -2.62 20.42
C LEU A 179 7.10 -1.85 19.10
N ASP A 180 8.16 -1.79 18.29
CA ASP A 180 8.17 -0.96 17.09
C ASP A 180 7.20 -1.48 16.02
N HIS A 181 7.20 -2.79 15.78
CA HIS A 181 6.37 -3.40 14.76
C HIS A 181 6.46 -4.91 14.92
N VAL A 182 5.47 -5.58 14.33
CA VAL A 182 5.43 -7.03 14.30
C VAL A 182 5.52 -7.43 12.82
N ALA A 183 6.36 -8.42 12.51
CA ALA A 183 6.54 -8.91 11.10
C ALA A 183 5.85 -10.25 10.97
N VAL A 184 5.02 -10.40 9.93
CA VAL A 184 4.18 -11.57 9.83
C VAL A 184 4.40 -12.19 8.44
N CYS A 185 4.67 -13.49 8.41
CA CYS A 185 4.80 -14.23 7.12
C CYS A 185 3.43 -14.76 6.73
N LEU A 186 3.06 -14.48 5.45
CA LEU A 186 1.78 -14.89 4.88
C LEU A 186 1.96 -15.88 3.65
N GLU A 187 1.01 -16.74 3.38
CA GLU A 187 1.05 -17.61 2.19
C GLU A 187 0.93 -16.74 0.89
N SER A 188 1.57 -17.20 -0.17
CA SER A 188 1.50 -16.55 -1.52
C SER A 188 0.10 -16.29 -1.92
N GLY A 189 -0.12 -15.09 -2.44
CA GLY A 189 -1.45 -14.67 -2.91
C GLY A 189 -2.41 -14.28 -1.81
N THR A 190 -1.91 -14.09 -0.56
CA THR A 190 -2.82 -13.64 0.47
C THR A 190 -2.43 -12.23 0.96
N LEU A 191 -1.37 -11.64 0.40
CA LEU A 191 -0.97 -10.31 0.90
C LEU A 191 -2.08 -9.25 0.79
N ARG A 192 -2.75 -9.11 -0.35
CA ARG A 192 -3.71 -8.01 -0.53
C ARG A 192 -4.88 -8.21 0.36
N SER A 193 -5.38 -9.42 0.41
CA SER A 193 -6.61 -9.59 1.17
C SER A 193 -6.35 -9.54 2.70
N THR A 194 -5.14 -9.93 3.12
CA THR A 194 -4.71 -9.71 4.54
C THR A 194 -4.64 -8.25 4.84
N ALA A 195 -3.96 -7.47 3.99
CA ALA A 195 -3.98 -6.02 4.21
C ALA A 195 -5.36 -5.35 4.21
N GLU A 196 -6.25 -5.80 3.34
CA GLU A 196 -7.62 -5.28 3.28
C GLU A 196 -8.38 -5.56 4.58
N PHE A 197 -8.30 -6.81 5.07
CA PHE A 197 -8.77 -7.17 6.39
C PHE A 197 -8.24 -6.27 7.51
N TYR A 198 -6.92 -6.03 7.59
CA TYR A 198 -6.40 -5.19 8.68
C TYR A 198 -6.84 -3.73 8.59
N GLU A 199 -6.97 -3.19 7.36
CA GLU A 199 -7.53 -1.85 7.17
C GLU A 199 -8.96 -1.81 7.76
N ALA A 200 -9.76 -2.81 7.42
CA ALA A 200 -11.19 -2.71 7.71
C ALA A 200 -11.51 -3.09 9.14
N ALA A 201 -10.91 -4.20 9.59
CA ALA A 201 -11.12 -4.73 10.96
C ALA A 201 -10.51 -3.82 12.04
N PHE A 202 -9.32 -3.28 11.81
CA PHE A 202 -8.59 -2.65 12.88
C PHE A 202 -8.10 -1.28 12.54
N ASP A 203 -8.55 -0.77 11.38
CA ASP A 203 -8.15 0.58 11.01
C ASP A 203 -6.64 0.76 10.88
N MET A 204 -6.01 -0.28 10.32
CA MET A 204 -4.56 -0.24 10.02
C MET A 204 -4.35 -0.20 8.45
N PRO A 205 -4.40 1.01 7.86
CA PRO A 205 -4.30 1.14 6.39
C PRO A 205 -2.85 1.00 5.90
N TYR A 206 -2.71 0.89 4.58
CA TYR A 206 -1.42 0.82 3.97
C TYR A 206 -0.52 1.94 4.46
N TYR A 207 0.72 1.64 4.79
CA TYR A 207 1.68 2.66 5.08
C TYR A 207 2.76 2.74 3.97
N SER A 208 3.28 1.59 3.53
CA SER A 208 4.38 1.51 2.58
C SER A 208 4.50 0.07 2.05
N SER A 209 5.18 -0.10 0.91
CA SER A 209 5.34 -1.47 0.35
C SER A 209 6.75 -1.58 -0.20
N GLU A 210 7.26 -2.80 -0.29
CA GLU A 210 8.61 -2.99 -0.84
C GLU A 210 8.57 -4.31 -1.52
N TYR A 211 9.36 -4.47 -2.58
CA TYR A 211 9.51 -5.79 -3.21
C TYR A 211 10.97 -6.05 -3.07
N ILE A 212 11.38 -7.21 -2.47
CA ILE A 212 12.78 -7.33 -2.05
C ILE A 212 13.36 -8.58 -2.71
N GLU A 213 14.49 -8.46 -3.37
CA GLU A 213 15.06 -9.65 -4.06
C GLU A 213 16.37 -10.00 -3.41
N VAL A 214 16.58 -11.28 -3.16
CA VAL A 214 17.87 -11.80 -2.58
C VAL A 214 18.21 -13.04 -3.45
N GLY A 215 19.36 -13.07 -4.12
CA GLY A 215 19.68 -14.28 -4.94
C GLY A 215 18.54 -14.47 -5.94
N GLU A 216 17.97 -15.66 -6.03
CA GLU A 216 16.94 -15.89 -7.03
C GLU A 216 15.52 -15.83 -6.39
N GLN A 217 15.47 -15.45 -5.09
CA GLN A 217 14.17 -15.38 -4.44
C GLN A 217 13.73 -13.91 -4.32
N ALA A 218 12.47 -13.70 -3.96
CA ALA A 218 11.97 -12.36 -3.69
C ALA A 218 10.78 -12.43 -2.75
N MET A 219 10.54 -11.31 -2.12
CA MET A 219 9.37 -11.24 -1.25
C MET A 219 8.71 -9.91 -1.43
N ASP A 220 7.42 -9.93 -1.25
CA ASP A 220 6.63 -8.78 -1.36
C ASP A 220 6.15 -8.44 0.04
N MET A 221 6.22 -7.17 0.39
CA MET A 221 5.67 -6.81 1.69
C MET A 221 4.91 -5.50 1.67
N ILE A 222 3.96 -5.39 2.59
CA ILE A 222 3.25 -4.14 2.86
C ILE A 222 3.36 -3.87 4.37
N PHE A 223 3.77 -2.66 4.71
CA PHE A 223 3.74 -2.22 6.11
C PHE A 223 2.37 -1.57 6.29
N VAL A 224 1.62 -2.02 7.33
CA VAL A 224 0.34 -1.37 7.70
C VAL A 224 0.49 -0.68 9.07
N ARG A 225 -0.20 0.46 9.27
CA ARG A 225 -0.01 1.23 10.50
C ARG A 225 -1.26 2.03 10.78
N ASN A 226 -1.72 2.01 12.02
CA ASN A 226 -2.87 2.88 12.39
C ASN A 226 -2.55 4.34 12.52
N ALA A 227 -3.58 5.19 12.49
CA ALA A 227 -3.42 6.66 12.59
C ALA A 227 -2.54 7.12 13.76
N GLY A 228 -2.83 6.60 14.95
CA GLY A 228 -2.00 6.90 16.13
C GLY A 228 -0.52 6.52 15.98
N GLY A 229 -0.23 5.49 15.18
CA GLY A 229 1.12 4.93 15.11
C GLY A 229 1.44 3.90 16.22
N GLY A 230 0.44 3.52 17.02
CA GLY A 230 0.63 2.51 18.04
C GLY A 230 0.86 1.08 17.54
N ILE A 231 0.39 0.80 16.33
CA ILE A 231 0.44 -0.55 15.83
C ILE A 231 0.98 -0.51 14.38
N THR A 232 2.08 -1.22 14.10
CA THR A 232 2.63 -1.39 12.75
C THR A 232 2.89 -2.88 12.53
N PHE A 233 2.28 -3.46 11.51
CA PHE A 233 2.60 -4.78 11.08
C PHE A 233 3.38 -4.71 9.75
N THR A 234 4.38 -5.59 9.61
CA THR A 234 4.94 -5.91 8.27
C THR A 234 4.26 -7.15 7.80
N LEU A 235 3.52 -7.05 6.69
CA LEU A 235 2.92 -8.22 6.09
C LEU A 235 3.84 -8.63 4.96
N ILE A 236 4.30 -9.89 4.99
CA ILE A 236 5.31 -10.40 4.04
C ILE A 236 4.78 -11.69 3.37
N GLU A 237 4.79 -11.70 2.03
CA GLU A 237 4.41 -12.88 1.29
C GLU A 237 5.63 -13.37 0.40
N PRO A 238 5.84 -14.68 0.25
CA PRO A 238 6.94 -15.01 -0.71
C PRO A 238 6.44 -14.80 -2.20
N ASP A 239 7.34 -14.42 -3.07
CA ASP A 239 6.93 -14.32 -4.53
C ASP A 239 6.96 -15.72 -5.14
N ASP A 240 5.81 -16.36 -5.35
CA ASP A 240 5.86 -17.67 -6.07
C ASP A 240 6.30 -17.69 -7.54
N THR A 241 6.58 -16.53 -8.10
CA THR A 241 7.08 -16.52 -9.50
C THR A 241 8.58 -16.57 -9.44
N ARG A 242 9.16 -16.63 -8.23
CA ARG A 242 10.60 -16.80 -8.17
C ARG A 242 10.88 -18.05 -7.37
N VAL A 243 12.14 -18.29 -7.01
CA VAL A 243 12.46 -19.58 -6.40
C VAL A 243 12.24 -19.46 -4.88
N PRO A 244 11.72 -20.55 -4.24
CA PRO A 244 11.44 -20.57 -2.79
C PRO A 244 12.62 -20.08 -1.98
N GLY A 245 12.34 -19.32 -0.92
CA GLY A 245 13.43 -18.79 -0.09
C GLY A 245 13.06 -18.82 1.39
N GLN A 246 13.60 -17.84 2.09
CA GLN A 246 13.49 -17.79 3.56
C GLN A 246 12.01 -17.64 4.03
N ILE A 247 11.14 -16.95 3.27
CA ILE A 247 9.77 -16.85 3.70
C ILE A 247 9.05 -18.15 3.54
N ASP A 248 9.35 -18.83 2.43
CA ASP A 248 8.77 -20.18 2.28
C ASP A 248 9.26 -21.15 3.39
N GLN A 249 10.54 -21.07 3.71
CA GLN A 249 11.08 -21.89 4.76
C GLN A 249 10.32 -21.61 6.10
N PHE A 250 10.16 -20.33 6.44
CA PHE A 250 9.35 -19.96 7.63
C PHE A 250 7.98 -20.63 7.64
N LEU A 251 7.26 -20.51 6.52
CA LEU A 251 5.93 -21.10 6.41
C LEU A 251 5.89 -22.64 6.55
N SER A 252 6.89 -23.35 6.01
CA SER A 252 6.89 -24.81 6.18
C SER A 252 7.34 -25.20 7.61
N ALA A 253 8.37 -24.56 8.16
CA ALA A 253 8.78 -24.85 9.57
C ALA A 253 7.65 -24.59 10.55
N HIS A 254 7.04 -23.39 10.43
CA HIS A 254 5.99 -22.97 11.32
C HIS A 254 4.70 -23.64 10.96
N ASP A 255 4.64 -24.20 9.75
CA ASP A 255 3.40 -24.83 9.27
C ASP A 255 2.24 -23.86 9.19
N GLY A 256 2.48 -22.75 8.44
CA GLY A 256 1.42 -21.76 8.19
C GLY A 256 1.85 -20.35 8.47
N PRO A 257 0.98 -19.35 8.14
CA PRO A 257 1.29 -17.95 8.44
C PRO A 257 1.62 -17.78 9.97
N GLY A 258 2.46 -16.83 10.32
CA GLY A 258 2.74 -16.59 11.78
C GLY A 258 3.64 -15.43 11.91
N VAL A 259 3.93 -15.08 13.17
CA VAL A 259 4.83 -13.96 13.45
C VAL A 259 6.25 -14.42 13.28
N GLN A 260 6.97 -13.75 12.39
CA GLN A 260 8.36 -14.05 12.13
C GLN A 260 9.27 -13.29 13.08
N HIS A 261 8.94 -12.04 13.38
CA HIS A 261 9.76 -11.26 14.36
C HIS A 261 9.01 -10.15 15.07
N LEU A 262 9.46 -9.83 16.30
CA LEU A 262 8.97 -8.66 17.07
C LEU A 262 10.12 -7.74 17.05
N ALA A 263 9.91 -6.46 16.87
CA ALA A 263 11.01 -5.50 16.90
C ALA A 263 10.85 -4.57 18.04
N PHE A 264 11.96 -4.39 18.76
CA PHE A 264 11.97 -3.53 19.94
C PHE A 264 12.75 -2.30 19.66
N LEU A 265 12.08 -1.15 19.85
CA LEU A 265 12.68 0.14 19.71
C LEU A 265 13.51 0.49 20.95
N VAL A 266 14.82 0.77 20.78
CA VAL A 266 15.73 1.11 21.87
C VAL A 266 16.43 2.45 21.62
N ASP A 267 16.94 3.11 22.68
CA ASP A 267 17.67 4.39 22.51
C ASP A 267 19.12 4.21 21.95
N ASP A 268 19.82 3.14 22.35
CA ASP A 268 21.23 2.96 21.95
C ASP A 268 21.48 1.53 21.46
N ILE A 269 21.24 1.31 20.19
CA ILE A 269 21.31 -0.03 19.72
C ILE A 269 22.74 -0.57 19.81
N VAL A 270 23.74 0.28 19.58
CA VAL A 270 25.14 -0.19 19.74
C VAL A 270 25.40 -0.68 21.17
N GLY A 271 25.10 0.14 22.16
CA GLY A 271 25.21 -0.28 23.57
C GLY A 271 24.41 -1.53 23.90
N SER A 272 23.13 -1.57 23.52
CA SER A 272 22.29 -2.77 23.73
C SER A 272 22.90 -3.98 23.10
N VAL A 273 23.38 -3.85 21.87
CA VAL A 273 23.95 -5.03 21.21
C VAL A 273 25.22 -5.49 21.92
N ARG A 274 26.04 -4.54 22.35
CA ARG A 274 27.17 -4.92 23.27
C ARG A 274 26.71 -5.64 24.56
N SER A 275 25.88 -5.03 25.40
CA SER A 275 25.44 -5.80 26.60
C SER A 275 24.73 -7.09 26.27
N LEU A 276 23.86 -7.10 25.24
CA LEU A 276 23.17 -8.34 24.95
C LEU A 276 24.15 -9.41 24.50
N GLY A 277 25.14 -8.97 23.72
CA GLY A 277 26.15 -9.92 23.19
C GLY A 277 26.84 -10.62 24.36
N ASP A 278 27.16 -9.82 25.37
CA ASP A 278 27.71 -10.27 26.67
C ASP A 278 26.84 -11.29 27.39
N ARG A 279 25.51 -11.16 27.33
CA ARG A 279 24.64 -12.11 28.03
C ARG A 279 24.27 -13.30 27.17
N GLY A 280 25.07 -13.55 26.13
CA GLY A 280 24.89 -14.74 25.31
C GLY A 280 24.11 -14.59 24.01
N VAL A 281 23.53 -13.42 23.75
CA VAL A 281 22.68 -13.25 22.54
C VAL A 281 23.49 -13.27 21.25
N ALA A 282 23.10 -14.16 20.34
CA ALA A 282 23.69 -14.30 18.99
C ALA A 282 22.90 -13.41 17.98
N PHE A 283 23.62 -12.51 17.36
CA PHE A 283 23.02 -11.67 16.34
C PHE A 283 23.50 -12.14 14.95
N LEU A 284 22.71 -11.93 13.91
CA LEU A 284 23.13 -12.29 12.56
C LEU A 284 24.26 -11.38 12.13
N ARG A 285 25.24 -11.93 11.42
CA ARG A 285 26.42 -11.13 11.01
C ARG A 285 26.22 -10.46 9.61
N THR A 286 26.82 -9.28 9.43
CA THR A 286 26.96 -8.61 8.12
C THR A 286 28.48 -8.48 7.72
N PRO A 287 28.86 -8.80 6.46
CA PRO A 287 30.24 -8.70 5.96
C PRO A 287 30.81 -7.30 6.07
N GLY A 288 32.13 -7.21 6.24
CA GLY A 288 32.84 -5.92 6.39
C GLY A 288 32.71 -5.07 5.14
N ALA A 289 32.51 -5.74 4.01
CA ALA A 289 32.23 -5.11 2.72
C ALA A 289 31.17 -4.01 2.87
N TYR A 290 30.06 -4.35 3.54
CA TYR A 290 28.93 -3.44 3.72
C TYR A 290 29.39 -2.15 4.43
N TYR A 291 30.33 -2.27 5.34
CA TYR A 291 30.77 -1.10 6.12
C TYR A 291 31.72 -0.17 5.35
N ASP A 292 32.53 -0.78 4.46
CA ASP A 292 33.45 -0.05 3.54
C ASP A 292 32.66 0.95 2.72
N LEU A 293 31.62 0.46 2.06
CA LEU A 293 30.65 1.33 1.37
C LEU A 293 30.04 2.47 2.22
N LEU A 294 29.49 2.14 3.38
CA LEU A 294 28.58 3.03 4.13
C LEU A 294 29.01 4.49 4.29
N ALA A 304 31.55 5.91 14.70
CA ALA A 304 30.16 5.65 14.34
C ALA A 304 30.16 4.46 13.39
N ILE A 305 30.73 4.63 12.21
CA ILE A 305 30.86 3.50 11.30
C ILE A 305 31.66 2.32 11.88
N GLU A 306 32.73 2.59 12.65
CA GLU A 306 33.48 1.51 13.29
C GLU A 306 32.61 0.83 14.38
N ASP A 307 31.72 1.62 15.02
CA ASP A 307 30.79 1.06 16.01
C ASP A 307 29.79 0.09 15.35
N LEU A 308 29.20 0.52 14.21
CA LEU A 308 28.23 -0.33 13.48
C LEU A 308 28.88 -1.58 12.96
N ARG A 309 30.07 -1.43 12.34
CA ARG A 309 30.86 -2.57 11.89
C ARG A 309 31.05 -3.62 12.99
N GLU A 310 31.50 -3.17 14.16
CA GLU A 310 31.80 -4.03 15.32
C GLU A 310 30.55 -4.78 15.77
N THR A 311 29.43 -4.06 15.77
CA THR A 311 28.18 -4.66 16.25
C THR A 311 27.31 -5.32 15.18
N ASN A 312 27.72 -5.28 13.91
CA ASN A 312 26.90 -5.82 12.79
C ASN A 312 25.48 -5.19 12.66
N VAL A 313 25.38 -3.93 13.10
CA VAL A 313 24.22 -3.08 12.96
C VAL A 313 24.13 -2.45 11.55
N LEU A 314 22.89 -2.33 11.04
CA LEU A 314 22.57 -1.84 9.66
C LEU A 314 21.98 -0.45 9.70
N ALA A 315 22.39 0.42 8.77
CA ALA A 315 21.97 1.81 8.75
C ALA A 315 21.32 2.18 7.43
N ASP A 316 20.24 2.95 7.51
CA ASP A 316 19.52 3.40 6.35
C ASP A 316 18.80 4.66 6.81
N ARG A 317 18.13 5.34 5.90
CA ARG A 317 17.51 6.63 6.25
C ARG A 317 16.24 6.76 5.45
N ASP A 318 15.34 7.61 5.95
CA ASP A 318 14.13 8.04 5.22
C ASP A 318 14.14 9.59 5.17
N GLU A 319 13.09 10.21 4.68
CA GLU A 319 13.13 11.65 4.51
C GLU A 319 13.43 12.40 5.83
N TRP A 320 13.16 11.77 6.98
CA TRP A 320 13.21 12.46 8.29
C TRP A 320 14.35 12.10 9.20
N GLY A 321 15.22 11.20 8.77
CA GLY A 321 16.32 10.78 9.60
C GLY A 321 16.66 9.32 9.34
N TYR A 322 17.59 8.84 10.13
CA TYR A 322 18.13 7.51 9.93
C TYR A 322 17.49 6.49 10.89
N LEU A 323 17.63 5.21 10.54
CA LEU A 323 17.28 4.08 11.43
C LEU A 323 18.37 3.05 11.39
N LEU A 324 18.59 2.41 12.55
CA LEU A 324 19.58 1.35 12.71
C LEU A 324 18.81 0.10 13.07
N GLN A 325 19.20 -1.05 12.51
CA GLN A 325 18.45 -2.29 12.80
C GLN A 325 19.41 -3.48 12.89
N ILE A 326 19.00 -4.52 13.61
CA ILE A 326 19.72 -5.77 13.66
C ILE A 326 18.74 -6.89 14.08
N PHE A 327 18.98 -8.09 13.59
CA PHE A 327 18.26 -9.25 13.94
C PHE A 327 19.10 -10.18 14.84
N THR A 328 18.40 -10.82 15.75
CA THR A 328 19.05 -11.94 16.51
C THR A 328 18.87 -13.21 15.72
N ARG A 329 19.70 -14.26 15.97
CA ARG A 329 19.32 -15.60 15.55
C ARG A 329 18.02 -16.00 16.23
N SER A 330 17.26 -16.93 15.64
CA SER A 330 16.06 -17.44 16.26
C SER A 330 16.53 -18.28 17.47
N PRO A 331 15.94 -18.07 18.64
CA PRO A 331 16.34 -18.98 19.71
C PRO A 331 15.44 -20.15 19.85
N TYR A 332 14.62 -20.47 18.85
CA TYR A 332 13.65 -21.52 18.97
C TYR A 332 14.08 -22.74 18.11
N PRO A 333 13.75 -23.98 18.52
CA PRO A 333 14.15 -25.24 17.83
C PRO A 333 13.91 -25.20 16.30
N ARG A 334 12.72 -24.75 15.86
CA ARG A 334 12.37 -24.79 14.40
C ARG A 334 12.98 -23.62 13.63
N GLY A 335 13.70 -22.71 14.31
CA GLY A 335 14.43 -21.61 13.68
C GLY A 335 13.47 -20.54 13.07
N THR A 336 12.35 -20.28 13.71
CA THR A 336 11.25 -19.54 13.09
C THR A 336 11.33 -18.13 13.74
N LEU A 337 10.66 -17.93 14.88
CA LEU A 337 10.59 -16.58 15.48
C LEU A 337 11.92 -16.01 15.87
N PHE A 338 12.16 -14.73 15.59
CA PHE A 338 13.35 -14.11 16.09
C PHE A 338 13.06 -12.67 16.51
N TYR A 339 14.06 -11.95 16.98
CA TYR A 339 13.84 -10.58 17.51
C TYR A 339 14.67 -9.60 16.73
N GLU A 340 14.17 -8.37 16.70
CA GLU A 340 14.85 -7.29 16.07
C GLU A 340 14.95 -6.20 17.03
N TYR A 341 16.11 -5.52 17.00
CA TYR A 341 16.34 -4.27 17.70
C TYR A 341 16.44 -3.14 16.67
N ILE A 342 15.82 -2.01 16.96
CA ILE A 342 15.76 -0.87 16.05
C ILE A 342 15.97 0.37 16.88
N GLN A 343 16.71 1.33 16.31
CA GLN A 343 16.82 2.69 16.92
C GLN A 343 16.39 3.66 15.83
N ARG A 344 15.49 4.58 16.17
CA ARG A 344 15.09 5.57 15.21
C ARG A 344 15.68 6.94 15.61
N ASN A 345 16.42 7.59 14.72
CA ASN A 345 16.83 8.96 14.99
C ASN A 345 16.16 9.90 14.00
N GLY A 346 14.85 10.05 14.14
CA GLY A 346 14.09 10.88 13.22
C GLY A 346 13.30 10.06 12.21
N ALA A 347 13.86 8.94 11.71
CA ALA A 347 13.12 8.07 10.76
C ALA A 347 11.76 7.64 11.29
N ARG A 348 10.79 7.70 10.39
CA ARG A 348 9.42 7.35 10.74
C ARG A 348 9.00 6.02 10.13
N GLY A 349 9.65 5.60 9.04
CA GLY A 349 9.20 4.42 8.30
C GLY A 349 10.35 3.44 8.24
N PHE A 350 10.57 2.86 7.07
CA PHE A 350 11.51 1.75 6.92
C PHE A 350 12.32 1.99 5.68
N GLY A 351 13.54 1.47 5.62
CA GLY A 351 14.43 1.78 4.51
C GLY A 351 14.64 0.51 3.68
N SER A 352 14.60 0.62 2.35
CA SER A 352 14.66 -0.60 1.49
C SER A 352 16.07 -1.17 1.52
N SER A 353 17.05 -0.33 1.78
CA SER A 353 18.42 -0.78 1.92
C SER A 353 18.63 -1.68 3.19
N ASN A 354 18.13 -1.24 4.33
CA ASN A 354 18.14 -2.15 5.54
C ASN A 354 17.36 -3.42 5.35
N ILE A 355 16.17 -3.32 4.74
CA ILE A 355 15.34 -4.52 4.54
C ILE A 355 16.14 -5.57 3.74
N LYS A 356 16.77 -5.13 2.67
CA LYS A 356 17.55 -6.04 1.84
C LYS A 356 18.75 -6.65 2.61
N ALA A 357 19.48 -5.80 3.33
CA ALA A 357 20.66 -6.31 4.03
C ALA A 357 20.26 -7.20 5.25
N LEU A 358 19.11 -6.93 5.87
CA LEU A 358 18.56 -7.87 6.88
C LEU A 358 18.23 -9.19 6.24
N ALA A 359 17.58 -9.15 5.07
CA ALA A 359 17.11 -10.37 4.43
C ALA A 359 18.35 -11.15 3.92
N GLU A 360 19.35 -10.42 3.49
CA GLU A 360 20.64 -11.09 3.16
C GLU A 360 21.29 -11.80 4.39
N ALA A 361 21.24 -11.13 5.54
CA ALA A 361 21.77 -11.73 6.79
C ALA A 361 20.98 -12.97 7.16
N VAL A 362 19.67 -12.97 6.99
CA VAL A 362 18.89 -14.18 7.25
C VAL A 362 19.24 -15.36 6.31
N GLU A 363 19.47 -15.06 5.02
CA GLU A 363 19.88 -16.08 4.05
C GLU A 363 21.29 -16.63 4.38
N ARG A 364 22.26 -15.77 4.71
CA ARG A 364 23.56 -16.26 5.16
C ARG A 364 23.42 -17.20 6.36
N GLU A 365 22.70 -16.76 7.39
CA GLU A 365 22.28 -17.66 8.46
C GLU A 365 21.55 -18.94 8.00
N ARG A 366 20.65 -18.86 7.01
CA ARG A 366 19.78 -20.03 6.66
C ARG A 366 20.57 -21.21 6.14
N GLU A 367 21.70 -20.90 5.49
CA GLU A 367 22.54 -21.90 4.86
C GLU A 367 23.41 -22.61 5.90
N MET B 14 -25.92 -0.96 -5.74
CA MET B 14 -24.50 -0.60 -5.52
C MET B 14 -23.98 0.27 -6.69
N PRO B 15 -23.23 1.34 -6.35
CA PRO B 15 -22.43 2.13 -7.30
C PRO B 15 -21.04 1.50 -7.51
N PRO B 16 -20.24 2.04 -8.47
CA PRO B 16 -18.89 1.43 -8.70
C PRO B 16 -17.88 1.67 -7.58
N SER B 17 -16.92 0.77 -7.42
CA SER B 17 -15.94 1.07 -6.41
C SER B 17 -14.61 1.51 -6.84
N ASP B 18 -14.14 1.07 -8.02
CA ASP B 18 -12.77 1.47 -8.46
C ASP B 18 -12.79 1.66 -9.98
N ILE B 19 -11.72 2.20 -10.51
CA ILE B 19 -11.56 2.26 -11.96
C ILE B 19 -10.93 0.92 -12.35
N ALA B 20 -11.60 0.17 -13.20
CA ALA B 20 -11.04 -1.11 -13.58
C ALA B 20 -9.89 -0.92 -14.59
N TYR B 21 -10.08 -0.05 -15.57
CA TYR B 21 -8.96 0.26 -16.47
C TYR B 21 -9.31 1.52 -17.24
N ALA B 22 -8.33 2.12 -17.87
CA ALA B 22 -8.55 3.26 -18.79
C ALA B 22 -8.12 2.77 -20.21
N GLU B 23 -8.92 3.02 -21.28
CA GLU B 23 -8.52 2.58 -22.58
C GLU B 23 -8.14 3.78 -23.43
N LEU B 24 -6.95 3.73 -24.00
CA LEU B 24 -6.39 4.80 -24.80
C LEU B 24 -6.59 4.42 -26.31
N TYR B 25 -7.24 5.28 -27.09
CA TYR B 25 -7.41 5.03 -28.56
C TYR B 25 -6.33 5.84 -29.25
N VAL B 26 -5.50 5.21 -30.11
CA VAL B 26 -4.25 5.87 -30.59
C VAL B 26 -4.14 5.68 -32.16
N ALA B 27 -3.37 6.54 -32.83
CA ALA B 27 -3.09 6.39 -34.31
C ALA B 27 -2.07 5.28 -34.52
N ASP B 28 -1.22 5.03 -33.52
CA ASP B 28 0.00 4.24 -33.64
C ASP B 28 0.28 3.55 -32.29
N ASP B 29 -0.13 2.30 -32.20
CA ASP B 29 0.03 1.57 -30.94
C ASP B 29 1.46 1.17 -30.71
N ARG B 30 2.26 1.08 -31.76
CA ARG B 30 3.68 0.74 -31.57
C ARG B 30 4.34 1.87 -30.78
N GLU B 31 4.13 3.08 -31.24
CA GLU B 31 4.63 4.27 -30.52
C GLU B 31 3.99 4.40 -29.09
N ALA B 32 2.68 4.24 -28.98
CA ALA B 32 2.08 4.56 -27.69
C ALA B 32 2.34 3.48 -26.66
N SER B 33 2.22 2.21 -27.08
CA SER B 33 2.55 1.09 -26.22
C SER B 33 4.04 1.15 -25.87
N GLY B 34 4.86 1.54 -26.84
CA GLY B 34 6.32 1.55 -26.62
C GLY B 34 6.69 2.55 -25.53
N PHE B 35 6.10 3.76 -25.56
CA PHE B 35 6.31 4.68 -24.45
C PHE B 35 5.85 4.12 -23.09
N LEU B 36 4.62 3.57 -23.04
CA LEU B 36 4.13 3.03 -21.80
C LEU B 36 4.97 1.89 -21.23
N VAL B 37 5.39 0.97 -22.10
CA VAL B 37 6.19 -0.17 -21.69
C VAL B 37 7.63 0.26 -21.42
N ASP B 38 8.28 0.81 -22.45
CA ASP B 38 9.72 1.04 -22.36
C ASP B 38 10.09 2.21 -21.46
N SER B 39 9.27 3.26 -21.35
CA SER B 39 9.63 4.41 -20.45
C SER B 39 8.95 4.28 -19.13
N LEU B 40 7.62 4.04 -19.12
CA LEU B 40 6.89 4.09 -17.81
C LEU B 40 6.97 2.72 -17.11
N GLY B 41 7.35 1.67 -17.81
CA GLY B 41 7.44 0.37 -17.16
C GLY B 41 6.20 -0.46 -17.04
N PHE B 42 5.16 -0.18 -17.85
CA PHE B 42 4.01 -1.08 -17.88
C PHE B 42 4.44 -2.41 -18.53
N VAL B 43 3.69 -3.46 -18.25
CA VAL B 43 3.94 -4.83 -18.71
C VAL B 43 2.69 -5.30 -19.51
N PRO B 44 2.87 -5.72 -20.77
CA PRO B 44 1.75 -6.23 -21.59
C PRO B 44 1.28 -7.59 -21.07
N LEU B 45 -0.01 -7.75 -20.86
CA LEU B 45 -0.59 -8.97 -20.27
C LEU B 45 -1.32 -9.76 -21.31
N ALA B 46 -1.92 -9.09 -22.32
CA ALA B 46 -2.90 -9.83 -23.17
C ALA B 46 -3.20 -9.00 -24.38
N VAL B 47 -3.68 -9.63 -25.44
CA VAL B 47 -3.90 -8.85 -26.69
C VAL B 47 -5.17 -9.41 -27.35
N ALA B 48 -5.82 -8.56 -28.14
CA ALA B 48 -7.04 -8.95 -28.85
C ALA B 48 -6.84 -8.38 -30.25
N GLY B 49 -7.48 -9.03 -31.17
CA GLY B 49 -7.46 -8.51 -32.57
C GLY B 49 -8.09 -9.58 -33.50
N PRO B 50 -7.84 -9.47 -34.79
CA PRO B 50 -8.50 -10.35 -35.76
C PRO B 50 -8.41 -11.83 -35.44
N ALA B 51 -7.28 -12.30 -34.94
CA ALA B 51 -7.14 -13.68 -34.60
C ALA B 51 -7.97 -14.09 -33.41
N THR B 52 -8.42 -13.14 -32.56
CA THR B 52 -9.25 -13.52 -31.40
C THR B 52 -10.71 -13.14 -31.70
N GLY B 53 -11.04 -12.71 -32.91
CA GLY B 53 -12.47 -12.42 -33.26
C GLY B 53 -12.77 -10.91 -33.32
N THR B 54 -11.79 -10.02 -33.08
CA THR B 54 -12.02 -8.55 -33.13
C THR B 54 -11.37 -7.98 -34.37
N HIS B 55 -12.16 -7.76 -35.42
CA HIS B 55 -11.56 -7.43 -36.71
C HIS B 55 -11.24 -6.02 -36.92
N ASP B 56 -11.91 -5.08 -36.23
CA ASP B 56 -11.69 -3.71 -36.63
C ASP B 56 -10.63 -3.00 -35.78
N ARG B 57 -10.09 -3.68 -34.78
CA ARG B 57 -9.10 -2.97 -33.95
C ARG B 57 -8.16 -3.98 -33.31
N ARG B 58 -6.99 -3.51 -32.90
CA ARG B 58 -6.01 -4.32 -32.17
C ARG B 58 -5.86 -3.69 -30.78
N SER B 59 -5.99 -4.53 -29.75
CA SER B 59 -5.90 -3.93 -28.34
C SER B 59 -4.90 -4.69 -27.50
N THR B 60 -4.14 -3.97 -26.67
CA THR B 60 -3.20 -4.62 -25.78
C THR B 60 -3.46 -4.16 -24.32
N VAL B 61 -3.58 -5.09 -23.37
CA VAL B 61 -3.75 -4.72 -21.97
C VAL B 61 -2.35 -4.56 -21.36
N LEU B 62 -2.08 -3.43 -20.72
CA LEU B 62 -0.78 -3.17 -20.03
C LEU B 62 -1.07 -3.00 -18.55
N ARG B 63 -0.13 -3.42 -17.69
CA ARG B 63 -0.34 -3.21 -16.26
C ARG B 63 0.91 -2.80 -15.53
N SER B 64 0.76 -1.95 -14.54
CA SER B 64 1.88 -1.59 -13.67
C SER B 64 1.23 -1.43 -12.30
N GLY B 65 1.60 -2.31 -11.36
CA GLY B 65 0.91 -2.30 -10.06
C GLY B 65 -0.56 -2.58 -10.18
N GLU B 66 -1.39 -1.72 -9.57
CA GLU B 66 -2.81 -1.80 -9.76
C GLU B 66 -3.34 -0.91 -10.91
N VAL B 67 -2.46 -0.38 -11.75
CA VAL B 67 -2.99 0.49 -12.88
C VAL B 67 -3.07 -0.41 -14.13
N THR B 68 -4.24 -0.50 -14.76
CA THR B 68 -4.40 -1.20 -16.06
C THR B 68 -4.75 -0.22 -17.17
N LEU B 69 -3.89 -0.12 -18.19
CA LEU B 69 -4.21 0.69 -19.37
C LEU B 69 -4.44 -0.27 -20.56
N VAL B 70 -5.35 0.09 -21.44
CA VAL B 70 -5.59 -0.75 -22.67
C VAL B 70 -5.25 0.17 -23.85
N VAL B 71 -4.40 -0.26 -24.77
CA VAL B 71 -4.03 0.64 -25.87
C VAL B 71 -4.62 0.02 -27.09
N THR B 72 -5.35 0.83 -27.88
CA THR B 72 -6.17 0.27 -28.98
C THR B 72 -5.97 1.15 -30.25
N GLN B 73 -5.77 0.45 -31.39
CA GLN B 73 -5.49 1.18 -32.63
C GLN B 73 -6.49 0.58 -33.63
N ALA B 74 -7.10 1.44 -34.46
CA ALA B 74 -8.02 0.96 -35.52
C ALA B 74 -7.26 0.12 -36.60
N LEU B 75 -7.96 -0.85 -37.19
CA LEU B 75 -7.35 -1.66 -38.29
C LEU B 75 -8.14 -1.40 -39.60
N ALA B 76 -9.01 -0.40 -39.59
CA ALA B 76 -9.82 -0.05 -40.83
C ALA B 76 -10.38 1.39 -40.73
N PRO B 77 -10.49 2.12 -41.89
CA PRO B 77 -10.95 3.54 -41.98
C PRO B 77 -12.37 3.62 -41.41
N ASP B 78 -12.75 4.73 -40.81
CA ASP B 78 -14.16 4.98 -40.52
C ASP B 78 -14.83 3.94 -39.61
N THR B 79 -14.06 3.27 -38.75
CA THR B 79 -14.65 2.48 -37.69
C THR B 79 -14.66 3.40 -36.47
N PRO B 80 -15.27 2.97 -35.36
CA PRO B 80 -15.40 3.95 -34.25
C PRO B 80 -14.04 4.40 -33.74
N VAL B 81 -13.04 3.50 -33.64
CA VAL B 81 -11.74 3.95 -33.13
C VAL B 81 -11.12 4.97 -34.10
N ALA B 82 -11.16 4.67 -35.41
CA ALA B 82 -10.46 5.53 -36.35
C ALA B 82 -11.08 6.94 -36.35
N ARG B 83 -12.41 6.95 -36.31
CA ARG B 83 -13.19 8.23 -36.21
C ARG B 83 -12.78 9.08 -34.96
N TYR B 84 -12.77 8.36 -33.84
CA TYR B 84 -12.32 8.98 -32.57
C TYR B 84 -10.93 9.56 -32.64
N VAL B 85 -9.95 8.79 -33.13
CA VAL B 85 -8.56 9.27 -33.16
C VAL B 85 -8.46 10.39 -34.23
N GLU B 86 -9.21 10.26 -35.36
CA GLU B 86 -9.20 11.46 -36.27
C GLU B 86 -9.83 12.72 -35.53
N ARG B 87 -10.87 12.58 -34.75
CA ARG B 87 -11.34 13.75 -33.99
C ARG B 87 -10.38 14.24 -32.90
N HIS B 88 -9.96 13.36 -31.99
CA HIS B 88 -9.21 13.80 -30.80
C HIS B 88 -7.70 13.64 -30.83
N GLY B 89 -7.20 12.78 -31.72
CA GLY B 89 -5.79 12.38 -31.62
C GLY B 89 -5.75 11.32 -30.47
N ASP B 90 -4.56 10.91 -30.06
CA ASP B 90 -4.44 9.83 -29.04
C ASP B 90 -5.11 10.35 -27.74
N SER B 91 -6.04 9.56 -27.18
CA SER B 91 -6.89 10.04 -26.12
C SER B 91 -7.56 8.89 -25.43
N ILE B 92 -7.76 9.09 -24.12
CA ILE B 92 -8.56 8.14 -23.34
C ILE B 92 -9.99 8.16 -23.72
N ALA B 93 -10.51 7.05 -24.22
CA ALA B 93 -11.86 6.90 -24.72
C ALA B 93 -12.77 6.26 -23.76
N ASP B 94 -12.24 5.44 -22.82
CA ASP B 94 -13.12 4.66 -21.96
C ASP B 94 -12.46 4.66 -20.54
N LEU B 95 -13.26 5.04 -19.53
CA LEU B 95 -12.81 4.95 -18.12
C LEU B 95 -13.73 3.94 -17.54
N ALA B 96 -13.27 2.71 -17.39
CA ALA B 96 -14.17 1.61 -17.05
C ALA B 96 -14.23 1.54 -15.54
N PHE B 97 -15.41 1.27 -15.00
CA PHE B 97 -15.56 1.11 -13.60
C PHE B 97 -15.85 -0.35 -13.18
N GLY B 98 -15.23 -0.77 -12.10
CA GLY B 98 -15.53 -2.07 -11.49
C GLY B 98 -16.72 -1.97 -10.54
N CYS B 99 -17.72 -2.80 -10.82
CA CYS B 99 -18.99 -2.79 -10.12
C CYS B 99 -19.23 -4.19 -9.53
N ASP B 100 -19.44 -4.26 -8.24
CA ASP B 100 -19.95 -5.50 -7.62
C ASP B 100 -21.28 -5.91 -8.23
N ASP B 101 -22.05 -4.93 -8.71
CA ASP B 101 -23.36 -5.24 -9.22
C ASP B 101 -23.59 -4.42 -10.45
N VAL B 102 -23.33 -5.02 -11.61
CA VAL B 102 -23.35 -4.26 -12.87
C VAL B 102 -24.78 -3.78 -13.24
N ARG B 103 -25.75 -4.65 -13.09
CA ARG B 103 -27.18 -4.32 -13.38
C ARG B 103 -27.58 -3.05 -12.57
N SER B 104 -27.19 -3.04 -11.32
CA SER B 104 -27.58 -1.98 -10.44
C SER B 104 -26.83 -0.67 -10.74
N CYS B 105 -25.53 -0.74 -11.00
CA CYS B 105 -24.73 0.35 -11.54
C CYS B 105 -25.30 0.92 -12.84
N PHE B 106 -25.60 0.04 -13.79
CA PHE B 106 -26.17 0.42 -15.05
C PHE B 106 -27.53 1.19 -14.83
N ASP B 107 -28.39 0.65 -14.02
CA ASP B 107 -29.74 1.26 -13.90
C ASP B 107 -29.63 2.69 -13.24
N ARG B 108 -28.80 2.79 -12.20
CA ARG B 108 -28.50 4.06 -11.54
C ARG B 108 -27.96 5.11 -12.47
N ALA B 109 -26.99 4.77 -13.36
CA ALA B 109 -26.43 5.77 -14.24
C ALA B 109 -27.48 6.22 -15.29
N VAL B 110 -28.25 5.25 -15.78
CA VAL B 110 -29.22 5.53 -16.84
C VAL B 110 -30.34 6.48 -16.23
N LEU B 111 -30.74 6.20 -15.01
CA LEU B 111 -31.72 7.04 -14.27
C LEU B 111 -31.25 8.49 -14.10
N ALA B 112 -29.93 8.67 -13.89
CA ALA B 112 -29.25 9.93 -13.77
C ALA B 112 -29.01 10.61 -15.09
N GLY B 113 -29.31 9.91 -16.18
CA GLY B 113 -29.27 10.53 -17.52
C GLY B 113 -28.10 10.03 -18.38
N ALA B 114 -27.39 8.96 -17.98
CA ALA B 114 -26.34 8.41 -18.85
C ALA B 114 -27.06 7.74 -20.04
N GLU B 115 -26.45 7.79 -21.22
CA GLU B 115 -26.99 7.04 -22.38
C GLU B 115 -26.59 5.56 -22.22
N ALA B 116 -27.55 4.66 -22.43
CA ALA B 116 -27.29 3.22 -22.47
C ALA B 116 -26.56 2.81 -23.75
N LEU B 117 -25.24 2.94 -23.73
CA LEU B 117 -24.44 2.56 -24.88
C LEU B 117 -24.53 1.08 -25.11
N GLN B 118 -24.57 0.29 -24.03
CA GLN B 118 -24.70 -1.13 -24.14
C GLN B 118 -25.38 -1.68 -22.96
N ALA B 119 -26.57 -2.24 -23.18
CA ALA B 119 -27.33 -2.79 -22.04
C ALA B 119 -26.57 -3.97 -21.46
N PRO B 120 -26.84 -4.38 -20.19
CA PRO B 120 -26.06 -5.46 -19.64
C PRO B 120 -26.11 -6.74 -20.52
N THR B 121 -24.98 -7.45 -20.66
CA THR B 121 -24.84 -8.51 -21.67
C THR B 121 -23.63 -9.39 -21.30
N PRO B 122 -23.63 -10.70 -21.71
CA PRO B 122 -22.56 -11.53 -21.12
C PRO B 122 -21.16 -11.17 -21.69
N SER B 123 -20.15 -11.41 -20.89
CA SER B 123 -18.79 -11.08 -21.30
C SER B 123 -18.40 -11.84 -22.60
N HIS B 124 -17.50 -11.27 -23.42
CA HIS B 124 -16.94 -11.96 -24.60
C HIS B 124 -15.74 -12.79 -24.24
N ARG B 125 -15.30 -12.73 -22.99
CA ARG B 125 -14.08 -13.42 -22.66
C ARG B 125 -14.44 -14.88 -22.40
N ALA B 126 -13.89 -15.80 -23.21
CA ALA B 126 -14.21 -17.23 -23.03
C ALA B 126 -13.95 -17.64 -21.57
N GLY B 127 -14.82 -18.47 -21.00
CA GLY B 127 -14.73 -18.79 -19.59
C GLY B 127 -15.14 -17.77 -18.53
N GLN B 128 -15.72 -16.62 -18.93
CA GLN B 128 -16.30 -15.63 -17.96
C GLN B 128 -17.80 -15.58 -18.12
N ASP B 129 -18.53 -15.81 -17.03
CA ASP B 129 -20.01 -15.89 -17.05
C ASP B 129 -20.68 -14.51 -16.82
N ALA B 130 -19.97 -13.60 -16.13
CA ALA B 130 -20.55 -12.29 -15.71
C ALA B 130 -20.90 -11.34 -16.84
N TRP B 131 -21.84 -10.41 -16.59
CA TRP B 131 -22.33 -9.55 -17.67
C TRP B 131 -21.56 -8.20 -17.46
N PHE B 132 -21.53 -7.40 -18.50
CA PHE B 132 -20.90 -6.09 -18.39
C PHE B 132 -21.91 -5.19 -19.12
N ALA B 133 -21.71 -3.87 -19.01
CA ALA B 133 -22.52 -2.92 -19.64
C ALA B 133 -21.70 -1.69 -20.03
N THR B 134 -22.24 -0.79 -20.86
CA THR B 134 -21.50 0.46 -21.15
C THR B 134 -22.48 1.65 -21.09
N VAL B 135 -22.09 2.75 -20.41
CA VAL B 135 -22.91 4.00 -20.40
C VAL B 135 -22.05 5.17 -20.80
N SER B 136 -22.67 6.32 -21.09
CA SER B 136 -21.93 7.49 -21.48
C SER B 136 -21.52 8.27 -20.21
N GLY B 137 -20.89 9.42 -20.37
CA GLY B 137 -20.47 10.23 -19.24
C GLY B 137 -20.28 11.63 -19.70
N PHE B 138 -19.24 12.28 -19.21
CA PHE B 138 -18.92 13.61 -19.78
C PHE B 138 -18.52 13.50 -21.26
N GLY B 139 -18.50 14.65 -21.97
CA GLY B 139 -18.01 14.72 -23.39
C GLY B 139 -18.46 13.54 -24.25
N ASP B 140 -17.50 12.86 -24.90
CA ASP B 140 -17.90 11.64 -25.65
C ASP B 140 -17.12 10.45 -25.05
N ILE B 141 -16.81 10.54 -23.74
CA ILE B 141 -16.21 9.37 -22.99
C ILE B 141 -17.19 8.21 -22.84
N ARG B 142 -16.72 6.96 -22.79
CA ARG B 142 -17.58 5.86 -22.43
C ARG B 142 -17.16 5.34 -21.03
N HIS B 143 -18.09 4.74 -20.31
CA HIS B 143 -17.80 4.05 -19.07
C HIS B 143 -18.30 2.63 -19.12
N THR B 144 -17.41 1.68 -19.49
CA THR B 144 -17.79 0.28 -19.43
C THR B 144 -17.90 -0.09 -17.96
N LEU B 145 -18.94 -0.86 -17.62
CA LEU B 145 -19.17 -1.22 -16.28
C LEU B 145 -18.82 -2.69 -16.16
N VAL B 146 -17.83 -3.00 -15.33
CA VAL B 146 -17.25 -4.38 -15.49
C VAL B 146 -17.45 -5.10 -14.20
N PRO B 147 -17.72 -6.41 -14.26
CA PRO B 147 -17.91 -7.15 -13.01
C PRO B 147 -16.62 -7.08 -12.23
N ALA B 148 -16.64 -6.57 -10.97
CA ALA B 148 -15.41 -6.18 -10.23
C ALA B 148 -14.66 -7.34 -9.51
N LEU B 156 -7.97 -9.06 -14.23
CA LEU B 156 -9.15 -8.75 -15.04
C LEU B 156 -8.76 -8.04 -16.35
N LEU B 157 -9.59 -8.24 -17.35
CA LEU B 157 -9.32 -7.79 -18.70
C LEU B 157 -10.64 -7.22 -19.13
N PRO B 158 -10.66 -6.34 -20.14
CA PRO B 158 -11.94 -5.79 -20.61
C PRO B 158 -12.90 -6.91 -21.09
N PRO B 159 -14.18 -6.82 -20.65
CA PRO B 159 -15.13 -7.95 -20.90
C PRO B 159 -15.71 -7.94 -22.30
N ASP B 160 -15.40 -6.96 -23.10
CA ASP B 160 -16.03 -6.88 -24.42
C ASP B 160 -15.24 -7.51 -25.60
N ARG B 161 -14.12 -8.16 -25.29
CA ARG B 161 -13.28 -8.84 -26.25
C ARG B 161 -12.85 -10.14 -25.64
N ASP B 162 -12.40 -11.06 -26.51
CA ASP B 162 -11.74 -12.26 -26.05
C ASP B 162 -10.20 -12.04 -26.23
N TRP B 163 -9.41 -12.55 -25.30
CA TRP B 163 -8.06 -12.06 -25.14
C TRP B 163 -7.15 -13.33 -25.32
N ALA B 164 -6.05 -13.17 -26.02
CA ALA B 164 -4.97 -14.13 -25.98
C ALA B 164 -3.99 -13.67 -24.92
N LEU B 165 -3.71 -14.52 -23.97
CA LEU B 165 -2.82 -14.14 -22.86
C LEU B 165 -1.35 -14.27 -23.16
N LEU B 166 -0.54 -13.34 -22.65
CA LEU B 166 0.89 -13.51 -22.75
C LEU B 166 1.37 -14.26 -21.52
N PRO B 167 2.61 -14.82 -21.58
CA PRO B 167 3.18 -15.51 -20.42
C PRO B 167 3.18 -14.63 -19.15
N ALA B 168 3.40 -13.33 -19.31
CA ALA B 168 3.35 -12.38 -18.20
C ALA B 168 1.97 -12.13 -17.50
N ALA B 169 0.86 -12.59 -18.07
CA ALA B 169 -0.47 -12.44 -17.49
C ALA B 169 -0.50 -13.04 -16.06
N THR B 170 0.37 -14.00 -15.75
CA THR B 170 0.33 -14.61 -14.40
C THR B 170 1.51 -14.15 -13.55
N GLY B 171 2.19 -13.12 -14.01
CA GLY B 171 3.38 -12.59 -13.36
C GLY B 171 2.88 -11.79 -12.14
N ARG B 172 3.78 -11.46 -11.26
CA ARG B 172 3.37 -10.74 -10.07
C ARG B 172 3.32 -9.26 -10.38
N THR B 173 2.40 -8.58 -9.72
CA THR B 173 2.41 -7.13 -9.71
C THR B 173 2.39 -6.50 -8.29
N GLY B 174 3.08 -5.38 -8.12
CA GLY B 174 3.10 -4.69 -6.82
C GLY B 174 1.76 -4.01 -6.49
N PRO B 175 1.58 -3.64 -5.23
CA PRO B 175 0.34 -2.92 -4.90
C PRO B 175 0.46 -1.45 -5.26
N ARG B 176 1.63 -1.02 -5.73
CA ARG B 176 1.76 0.31 -6.35
C ARG B 176 2.41 0.18 -7.69
N PRO B 177 2.17 1.17 -8.61
CA PRO B 177 1.27 2.34 -8.41
C PRO B 177 -0.22 2.05 -8.33
N LEU B 178 -1.00 2.97 -7.71
CA LEU B 178 -2.46 2.96 -7.84
C LEU B 178 -2.84 4.16 -8.78
N LEU B 179 -4.02 4.11 -9.39
CA LEU B 179 -4.52 5.28 -10.11
C LEU B 179 -5.09 6.27 -9.05
N ASP B 180 -4.36 7.32 -8.74
CA ASP B 180 -4.79 8.24 -7.70
C ASP B 180 -6.06 9.01 -8.10
N HIS B 181 -6.02 9.63 -9.29
CA HIS B 181 -7.17 10.37 -9.75
C HIS B 181 -7.03 10.51 -11.28
N VAL B 182 -8.12 10.93 -11.88
CA VAL B 182 -8.19 11.22 -13.31
C VAL B 182 -8.63 12.70 -13.48
N ALA B 183 -7.88 13.51 -14.25
CA ALA B 183 -8.30 14.91 -14.39
C ALA B 183 -8.97 15.08 -15.79
N VAL B 184 -10.07 15.83 -15.84
CA VAL B 184 -10.93 15.92 -17.01
C VAL B 184 -11.10 17.43 -17.28
N CYS B 185 -10.86 17.83 -18.52
CA CYS B 185 -11.08 19.24 -18.95
C CYS B 185 -12.48 19.27 -19.56
N LEU B 186 -13.33 20.24 -19.12
CA LEU B 186 -14.71 20.37 -19.55
C LEU B 186 -14.92 21.80 -20.23
N GLU B 187 -15.90 21.87 -21.12
CA GLU B 187 -16.27 23.16 -21.81
C GLU B 187 -16.84 24.14 -20.75
N SER B 188 -16.59 25.46 -20.90
CA SER B 188 -17.37 26.50 -20.10
C SER B 188 -18.81 26.23 -20.02
N GLY B 189 -19.34 26.39 -18.81
CA GLY B 189 -20.75 26.23 -18.60
C GLY B 189 -21.23 24.83 -18.26
N THR B 190 -20.30 23.87 -18.22
CA THR B 190 -20.67 22.46 -17.97
C THR B 190 -20.09 21.89 -16.66
N LEU B 191 -19.32 22.67 -15.89
CA LEU B 191 -18.67 22.17 -14.67
C LEU B 191 -19.72 21.62 -13.71
N ARG B 192 -20.70 22.44 -13.38
CA ARG B 192 -21.71 22.09 -12.42
C ARG B 192 -22.56 20.93 -12.88
N SER B 193 -23.07 20.93 -14.10
CA SER B 193 -24.03 19.91 -14.45
C SER B 193 -23.20 18.56 -14.58
N THR B 194 -21.93 18.66 -14.97
CA THR B 194 -21.10 17.40 -15.04
C THR B 194 -20.85 16.86 -13.63
N ALA B 195 -20.49 17.72 -12.67
CA ALA B 195 -20.29 17.24 -11.30
C ALA B 195 -21.51 16.63 -10.71
N GLU B 196 -22.66 17.29 -10.88
CA GLU B 196 -23.93 16.70 -10.43
C GLU B 196 -24.20 15.31 -10.99
N PHE B 197 -23.93 15.17 -12.27
CA PHE B 197 -24.09 13.90 -12.94
C PHE B 197 -23.23 12.75 -12.29
N TYR B 198 -21.96 13.02 -12.03
CA TYR B 198 -21.07 12.00 -11.43
C TYR B 198 -21.50 11.66 -10.00
N GLU B 199 -21.98 12.67 -9.28
CA GLU B 199 -22.60 12.37 -7.98
C GLU B 199 -23.82 11.46 -8.10
N ALA B 200 -24.80 11.81 -8.98
CA ALA B 200 -26.04 11.01 -9.08
C ALA B 200 -25.77 9.65 -9.76
N ALA B 201 -25.06 9.64 -10.89
CA ALA B 201 -24.88 8.38 -11.67
C ALA B 201 -23.98 7.40 -10.98
N PHE B 202 -22.90 7.89 -10.35
CA PHE B 202 -21.82 6.93 -9.89
C PHE B 202 -21.50 7.10 -8.41
N ASP B 203 -22.29 7.91 -7.70
CA ASP B 203 -22.08 8.13 -6.24
C ASP B 203 -20.71 8.69 -5.95
N MET B 204 -20.34 9.69 -6.72
CA MET B 204 -19.09 10.40 -6.52
C MET B 204 -19.44 11.89 -6.21
N PRO B 205 -19.77 12.18 -4.95
CA PRO B 205 -20.05 13.61 -4.52
C PRO B 205 -18.85 14.55 -4.51
N TYR B 206 -19.18 15.84 -4.52
CA TYR B 206 -18.23 16.90 -4.23
C TYR B 206 -17.29 16.53 -3.09
N TYR B 207 -15.98 16.70 -3.29
CA TYR B 207 -15.02 16.47 -2.24
C TYR B 207 -14.39 17.84 -1.88
N SER B 208 -14.03 18.65 -2.87
CA SER B 208 -13.46 19.98 -2.63
C SER B 208 -13.46 20.73 -3.96
N SER B 209 -12.95 21.95 -3.93
CA SER B 209 -12.94 22.77 -5.15
C SER B 209 -11.97 23.93 -5.03
N GLU B 210 -11.55 24.49 -6.17
CA GLU B 210 -10.55 25.53 -6.18
C GLU B 210 -10.89 26.40 -7.36
N TYR B 211 -10.54 27.67 -7.29
CA TYR B 211 -10.46 28.57 -8.43
C TYR B 211 -8.98 28.92 -8.48
N ILE B 212 -8.37 28.83 -9.66
CA ILE B 212 -6.90 28.95 -9.76
C ILE B 212 -6.64 30.00 -10.87
N GLU B 213 -5.87 31.02 -10.52
CA GLU B 213 -5.47 32.08 -11.47
C GLU B 213 -4.02 31.87 -11.81
N VAL B 214 -3.71 31.96 -13.11
CA VAL B 214 -2.33 31.92 -13.60
C VAL B 214 -2.22 33.07 -14.64
N GLY B 215 -1.45 34.12 -14.30
CA GLY B 215 -1.49 35.40 -15.05
C GLY B 215 -2.92 35.85 -15.26
N GLU B 216 -3.26 36.21 -16.50
CA GLU B 216 -4.63 36.67 -16.84
C GLU B 216 -5.68 35.55 -17.14
N GLN B 217 -5.29 34.28 -17.03
CA GLN B 217 -6.26 33.20 -17.24
C GLN B 217 -6.72 32.66 -15.87
N ALA B 218 -7.87 31.96 -15.87
CA ALA B 218 -8.29 31.30 -14.62
C ALA B 218 -9.09 30.04 -14.92
N MET B 219 -9.18 29.16 -13.94
CA MET B 219 -9.98 27.94 -14.11
C MET B 219 -10.62 27.55 -12.81
N ASP B 220 -11.76 26.92 -12.95
CA ASP B 220 -12.50 26.45 -11.83
C ASP B 220 -12.39 24.94 -11.82
N MET B 221 -12.15 24.34 -10.66
CA MET B 221 -12.24 22.90 -10.59
C MET B 221 -13.10 22.40 -9.43
N ILE B 222 -13.67 21.20 -9.58
CA ILE B 222 -14.35 20.45 -8.52
C ILE B 222 -13.73 19.03 -8.51
N PHE B 223 -13.34 18.58 -7.31
CA PHE B 223 -12.85 17.21 -7.07
C PHE B 223 -14.04 16.47 -6.57
N VAL B 224 -14.33 15.33 -7.20
CA VAL B 224 -15.46 14.47 -6.85
C VAL B 224 -14.83 13.10 -6.50
N ARG B 225 -15.37 12.36 -5.53
CA ARG B 225 -14.65 11.14 -5.01
C ARG B 225 -15.72 10.29 -4.38
N ASN B 226 -15.70 8.99 -4.60
CA ASN B 226 -16.73 8.15 -3.91
C ASN B 226 -16.31 7.89 -2.43
N ALA B 227 -17.23 7.32 -1.64
CA ALA B 227 -17.04 7.13 -0.16
C ALA B 227 -15.84 6.25 0.19
N GLY B 228 -15.69 5.11 -0.48
CA GLY B 228 -14.54 4.28 -0.26
C GLY B 228 -13.25 4.89 -0.75
N GLY B 229 -13.32 5.93 -1.58
CA GLY B 229 -12.10 6.60 -2.11
C GLY B 229 -11.45 5.89 -3.29
N GLY B 230 -12.08 4.89 -3.88
CA GLY B 230 -11.44 4.23 -5.02
C GLY B 230 -11.47 5.03 -6.35
N ILE B 231 -12.39 6.01 -6.49
CA ILE B 231 -12.50 6.77 -7.74
C ILE B 231 -12.47 8.25 -7.37
N THR B 232 -11.46 8.98 -7.85
CA THR B 232 -11.49 10.43 -7.72
C THR B 232 -11.35 11.08 -9.13
N PHE B 233 -12.19 12.03 -9.48
CA PHE B 233 -11.96 12.84 -10.69
C PHE B 233 -11.79 14.30 -10.33
N THR B 234 -10.87 14.98 -11.00
CA THR B 234 -10.70 16.41 -10.96
C THR B 234 -11.40 16.96 -12.19
N LEU B 235 -12.46 17.75 -12.02
CA LEU B 235 -13.22 18.32 -13.22
C LEU B 235 -12.77 19.76 -13.31
N ILE B 236 -12.37 20.22 -14.49
CA ILE B 236 -11.67 21.57 -14.65
C ILE B 236 -12.41 22.22 -15.78
N GLU B 237 -12.74 23.51 -15.65
CA GLU B 237 -13.42 24.24 -16.67
C GLU B 237 -12.70 25.61 -16.86
N PRO B 238 -12.55 26.06 -18.10
CA PRO B 238 -11.96 27.38 -18.24
C PRO B 238 -12.95 28.51 -17.79
N ASP B 239 -12.40 29.56 -17.24
CA ASP B 239 -13.15 30.80 -16.90
C ASP B 239 -13.25 31.65 -18.17
N ASP B 240 -14.38 31.57 -18.89
CA ASP B 240 -14.55 32.24 -20.19
C ASP B 240 -14.67 33.78 -20.08
N THR B 241 -14.66 34.27 -18.85
CA THR B 241 -14.61 35.70 -18.53
C THR B 241 -13.18 36.18 -18.23
N ARG B 242 -12.17 35.36 -18.51
CA ARG B 242 -10.80 35.84 -18.45
C ARG B 242 -10.18 35.41 -19.77
N VAL B 243 -8.89 35.66 -19.93
CA VAL B 243 -8.25 35.34 -21.22
C VAL B 243 -8.08 33.81 -21.38
N PRO B 244 -8.25 33.27 -22.61
CA PRO B 244 -8.08 31.80 -22.81
C PRO B 244 -6.69 31.37 -22.40
N GLY B 245 -6.55 30.12 -21.93
CA GLY B 245 -5.28 29.66 -21.38
C GLY B 245 -5.08 28.16 -21.67
N GLN B 246 -4.38 27.49 -20.76
CA GLN B 246 -4.03 26.08 -20.97
C GLN B 246 -5.25 25.19 -21.07
N ILE B 247 -6.32 25.47 -20.32
CA ILE B 247 -7.49 24.63 -20.48
C ILE B 247 -8.25 24.81 -21.83
N ASP B 248 -8.44 26.06 -22.30
CA ASP B 248 -8.99 26.28 -23.65
C ASP B 248 -8.09 25.64 -24.71
N GLN B 249 -6.76 25.69 -24.52
CA GLN B 249 -5.85 25.07 -25.46
C GLN B 249 -6.04 23.53 -25.51
N PHE B 250 -6.10 22.89 -24.34
CA PHE B 250 -6.47 21.46 -24.31
C PHE B 250 -7.73 21.21 -25.05
N LEU B 251 -8.76 22.00 -24.77
CA LEU B 251 -10.01 21.74 -25.37
C LEU B 251 -9.96 22.00 -26.87
N SER B 252 -9.16 22.96 -27.30
CA SER B 252 -9.13 23.11 -28.80
C SER B 252 -8.28 21.99 -29.44
N ALA B 253 -7.10 21.72 -28.88
CA ALA B 253 -6.26 20.61 -29.42
C ALA B 253 -6.96 19.25 -29.43
N HIS B 254 -7.56 18.86 -28.31
CA HIS B 254 -8.36 17.63 -28.18
C HIS B 254 -9.63 17.70 -28.95
N ASP B 255 -10.04 18.88 -29.36
CA ASP B 255 -11.36 19.02 -29.97
C ASP B 255 -12.52 18.50 -29.16
N GLY B 256 -12.64 18.95 -27.91
CA GLY B 256 -13.74 18.56 -27.04
C GLY B 256 -13.18 18.26 -25.60
N PRO B 257 -14.05 18.18 -24.63
CA PRO B 257 -13.72 17.78 -23.27
C PRO B 257 -13.05 16.39 -23.32
N GLY B 258 -12.11 16.13 -22.42
CA GLY B 258 -11.49 14.77 -22.36
C GLY B 258 -10.66 14.66 -21.12
N VAL B 259 -9.95 13.52 -21.05
CA VAL B 259 -8.99 13.35 -19.99
C VAL B 259 -7.74 14.06 -20.31
N GLN B 260 -7.32 14.91 -19.37
CA GLN B 260 -6.07 15.71 -19.47
C GLN B 260 -4.89 14.93 -18.83
N HIS B 261 -5.16 14.23 -17.69
CA HIS B 261 -4.07 13.43 -17.12
C HIS B 261 -4.56 12.28 -16.25
N LEU B 262 -3.71 11.27 -16.15
CA LEU B 262 -3.87 10.15 -15.16
C LEU B 262 -2.79 10.36 -14.14
N ALA B 263 -3.13 10.19 -12.86
CA ALA B 263 -2.13 10.42 -11.79
C ALA B 263 -1.88 9.04 -11.10
N PHE B 264 -0.61 8.67 -11.04
CA PHE B 264 -0.12 7.41 -10.47
C PHE B 264 0.47 7.63 -9.06
N LEU B 265 -0.15 6.99 -8.08
CA LEU B 265 0.35 7.08 -6.68
C LEU B 265 1.50 6.10 -6.49
N VAL B 266 2.62 6.62 -6.02
CA VAL B 266 3.85 5.86 -5.71
C VAL B 266 4.37 6.18 -4.28
N ASP B 267 5.10 5.21 -3.67
CA ASP B 267 5.72 5.46 -2.35
C ASP B 267 6.86 6.47 -2.40
N ASP B 268 7.63 6.49 -3.49
CA ASP B 268 8.83 7.36 -3.56
C ASP B 268 8.90 8.16 -4.87
N ILE B 269 8.27 9.34 -4.89
CA ILE B 269 8.22 10.14 -6.17
C ILE B 269 9.66 10.55 -6.57
N VAL B 270 10.54 10.82 -5.62
CA VAL B 270 11.89 11.32 -6.01
C VAL B 270 12.63 10.20 -6.72
N GLY B 271 12.57 8.99 -6.14
CA GLY B 271 13.17 7.80 -6.77
C GLY B 271 12.55 7.46 -8.12
N SER B 272 11.23 7.48 -8.22
CA SER B 272 10.53 7.34 -9.49
C SER B 272 11.00 8.36 -10.51
N VAL B 273 11.06 9.65 -10.14
CA VAL B 273 11.48 10.67 -11.12
C VAL B 273 12.92 10.40 -11.65
N ARG B 274 13.86 10.12 -10.75
CA ARG B 274 15.19 9.79 -11.20
C ARG B 274 15.19 8.58 -12.13
N SER B 275 14.58 7.47 -11.71
CA SER B 275 14.62 6.32 -12.58
C SER B 275 13.85 6.57 -13.89
N LEU B 276 12.68 7.23 -13.87
CA LEU B 276 11.97 7.45 -15.16
C LEU B 276 12.72 8.43 -16.09
N GLY B 277 13.38 9.43 -15.52
CA GLY B 277 14.24 10.34 -16.29
C GLY B 277 15.33 9.59 -17.04
N ASP B 278 15.92 8.61 -16.38
CA ASP B 278 16.93 7.77 -17.06
C ASP B 278 16.39 6.97 -18.19
N ARG B 279 15.08 6.72 -18.20
CA ARG B 279 14.50 6.00 -19.30
C ARG B 279 13.87 6.95 -20.26
N GLY B 280 14.30 8.22 -20.20
CA GLY B 280 13.93 9.23 -21.19
C GLY B 280 12.55 9.85 -20.96
N VAL B 281 11.98 9.72 -19.78
CA VAL B 281 10.72 10.45 -19.53
C VAL B 281 11.13 11.89 -19.25
N ALA B 282 10.49 12.85 -19.89
CA ALA B 282 10.71 14.28 -19.56
C ALA B 282 9.56 14.85 -18.65
N PHE B 283 9.96 15.59 -17.61
CA PHE B 283 9.01 16.13 -16.62
C PHE B 283 9.02 17.61 -16.73
N LEU B 284 7.89 18.27 -16.46
CA LEU B 284 7.89 19.72 -16.50
C LEU B 284 8.80 20.32 -15.38
N ARG B 285 9.42 21.43 -15.69
CA ARG B 285 10.36 22.03 -14.76
C ARG B 285 9.73 23.17 -13.98
N THR B 286 10.24 23.33 -12.76
CA THR B 286 9.84 24.38 -11.85
C THR B 286 11.13 25.14 -11.49
N PRO B 287 11.08 26.48 -11.48
CA PRO B 287 12.28 27.30 -11.27
C PRO B 287 12.76 27.21 -9.86
N GLY B 288 14.05 27.48 -9.65
CA GLY B 288 14.66 27.44 -8.29
C GLY B 288 14.05 28.38 -7.26
N ALA B 289 13.41 29.46 -7.71
CA ALA B 289 12.79 30.43 -6.81
C ALA B 289 11.75 29.73 -5.99
N TYR B 290 10.93 28.85 -6.63
CA TYR B 290 10.01 28.00 -5.88
C TYR B 290 10.69 27.27 -4.70
N TYR B 291 11.86 26.69 -4.90
CA TYR B 291 12.51 25.88 -3.87
C TYR B 291 13.13 26.78 -2.82
N ASP B 292 13.47 27.98 -3.24
CA ASP B 292 13.98 29.01 -2.29
C ASP B 292 12.88 29.32 -1.28
N LEU B 293 11.69 29.61 -1.76
CA LEU B 293 10.53 29.86 -0.91
C LEU B 293 10.18 28.69 0.01
N LEU B 294 10.01 27.49 -0.54
CA LEU B 294 9.96 26.27 0.26
C LEU B 294 11.19 26.30 1.20
N THR B 295 10.97 26.28 2.52
CA THR B 295 11.95 26.89 3.53
C THR B 295 11.19 27.99 4.30
N GLU B 296 9.99 27.61 4.72
CA GLU B 296 8.92 28.46 5.19
C GLU B 296 7.62 27.68 4.97
N MET B 301 13.98 21.21 6.25
CA MET B 301 14.53 19.95 5.75
C MET B 301 15.29 20.20 4.43
N ALA B 302 16.47 20.79 4.56
CA ALA B 302 17.31 21.22 3.43
C ALA B 302 17.73 20.10 2.46
N ASP B 303 18.09 18.93 2.99
CA ASP B 303 18.47 17.76 2.17
C ASP B 303 17.25 17.15 1.42
N ALA B 304 16.07 17.14 2.09
CA ALA B 304 14.80 16.79 1.47
C ALA B 304 14.42 17.79 0.38
N ILE B 305 14.40 19.08 0.69
CA ILE B 305 14.19 20.15 -0.30
C ILE B 305 15.18 19.98 -1.46
N GLU B 306 16.42 19.62 -1.14
CA GLU B 306 17.43 19.53 -2.16
C GLU B 306 17.02 18.46 -3.20
N ASP B 307 16.58 17.29 -2.73
CA ASP B 307 16.00 16.24 -3.62
C ASP B 307 14.81 16.73 -4.48
N LEU B 308 13.86 17.46 -3.87
CA LEU B 308 12.72 18.05 -4.60
C LEU B 308 13.19 19.03 -5.64
N ARG B 309 14.11 19.94 -5.28
CA ARG B 309 14.75 20.78 -6.30
C ARG B 309 15.37 20.04 -7.50
N GLU B 310 16.19 19.02 -7.23
CA GLU B 310 16.89 18.24 -8.30
C GLU B 310 15.84 17.60 -9.25
N THR B 311 14.70 17.18 -8.68
CA THR B 311 13.68 16.43 -9.46
C THR B 311 12.48 17.26 -9.95
N ASN B 312 12.38 18.55 -9.55
CA ASN B 312 11.26 19.40 -9.96
C ASN B 312 9.92 18.94 -9.42
N VAL B 313 9.96 18.20 -8.31
CA VAL B 313 8.77 17.79 -7.56
C VAL B 313 8.20 18.98 -6.76
N LEU B 314 6.86 19.11 -6.74
CA LEU B 314 6.17 20.14 -5.93
C LEU B 314 5.61 19.59 -4.62
N ALA B 315 5.65 20.38 -3.56
CA ALA B 315 5.29 19.91 -2.21
C ALA B 315 4.20 20.85 -1.68
N ASP B 316 3.15 20.29 -1.08
CA ASP B 316 2.06 21.04 -0.51
C ASP B 316 1.52 20.16 0.66
N ARG B 317 0.46 20.63 1.32
CA ARG B 317 -0.13 19.84 2.39
C ARG B 317 -1.62 20.12 2.48
N ASP B 318 -2.38 19.16 3.04
CA ASP B 318 -3.70 19.48 3.58
C ASP B 318 -3.64 19.31 5.13
N GLU B 319 -4.79 19.25 5.82
CA GLU B 319 -4.78 19.03 7.29
C GLU B 319 -4.05 17.77 7.74
N TRP B 320 -4.03 16.70 6.93
CA TRP B 320 -3.59 15.40 7.42
C TRP B 320 -2.15 15.07 7.09
N GLY B 321 -1.52 15.86 6.24
CA GLY B 321 -0.18 15.55 5.90
C GLY B 321 0.16 16.15 4.53
N TYR B 322 1.31 15.73 4.01
CA TYR B 322 1.93 16.41 2.87
C TYR B 322 1.62 15.58 1.57
N LEU B 323 1.70 16.21 0.39
CA LEU B 323 1.63 15.50 -0.90
C LEU B 323 2.62 16.14 -1.88
N LEU B 324 3.24 15.30 -2.74
CA LEU B 324 4.31 15.69 -3.60
C LEU B 324 3.75 15.35 -5.01
N GLN B 325 3.88 16.22 -5.96
CA GLN B 325 3.30 15.96 -7.31
C GLN B 325 4.31 16.36 -8.40
N ILE B 326 4.20 15.76 -9.60
CA ILE B 326 4.99 16.30 -10.73
C ILE B 326 4.19 15.84 -11.96
N PHE B 327 4.28 16.58 -13.02
CA PHE B 327 3.69 16.22 -14.32
C PHE B 327 4.83 15.89 -15.32
N THR B 328 4.60 14.85 -16.11
CA THR B 328 5.33 14.63 -17.38
C THR B 328 4.93 15.61 -18.49
N ARG B 329 5.85 15.86 -19.43
CA ARG B 329 5.40 16.45 -20.70
C ARG B 329 4.50 15.44 -21.35
N SER B 330 3.58 15.90 -22.18
CA SER B 330 2.72 15.00 -22.95
C SER B 330 3.58 14.22 -23.97
N PRO B 331 3.44 12.90 -23.99
CA PRO B 331 4.19 12.21 -25.06
C PRO B 331 3.34 12.04 -26.34
N TYR B 332 2.20 12.72 -26.46
CA TYR B 332 1.27 12.56 -27.62
C TYR B 332 1.41 13.71 -28.61
N PRO B 333 1.22 13.42 -29.91
CA PRO B 333 1.46 14.46 -30.98
C PRO B 333 0.71 15.80 -30.73
N ARG B 334 -0.55 15.78 -30.31
CA ARG B 334 -1.26 17.01 -29.99
C ARG B 334 -0.90 17.75 -28.70
N GLY B 335 0.01 17.17 -27.89
CA GLY B 335 0.41 17.75 -26.56
C GLY B 335 -0.79 17.81 -25.59
N THR B 336 -1.67 16.82 -25.60
CA THR B 336 -2.93 16.85 -24.89
C THR B 336 -2.72 16.00 -23.60
N LEU B 337 -2.99 14.71 -23.67
CA LEU B 337 -2.89 13.84 -22.45
C LEU B 337 -1.50 13.76 -21.88
N PHE B 338 -1.38 13.81 -20.52
CA PHE B 338 -0.07 13.61 -19.91
C PHE B 338 -0.26 12.83 -18.57
N TYR B 339 0.84 12.58 -17.87
CA TYR B 339 0.77 11.70 -16.69
C TYR B 339 1.27 12.49 -15.51
N GLU B 340 0.78 12.07 -14.33
CA GLU B 340 1.19 12.72 -13.10
C GLU B 340 1.67 11.59 -12.20
N TYR B 341 2.77 11.85 -11.47
CA TYR B 341 3.10 11.03 -10.33
C TYR B 341 2.83 11.80 -9.06
N ILE B 342 2.38 11.06 -8.05
CA ILE B 342 1.93 11.71 -6.81
C ILE B 342 2.37 10.79 -5.62
N GLN B 343 2.85 11.39 -4.54
CA GLN B 343 3.19 10.60 -3.31
C GLN B 343 2.43 11.26 -2.18
N ARG B 344 1.76 10.45 -1.33
CA ARG B 344 0.94 11.06 -0.29
C ARG B 344 1.58 10.63 1.04
N ASN B 345 1.85 11.60 1.90
CA ASN B 345 2.40 11.32 3.24
C ASN B 345 1.39 11.84 4.24
N GLY B 346 0.23 11.20 4.24
CA GLY B 346 -0.88 11.66 5.06
C GLY B 346 -1.90 12.52 4.37
N ALA B 347 -1.53 13.31 3.33
CA ALA B 347 -2.54 14.10 2.69
C ALA B 347 -3.66 13.26 2.11
N ARG B 348 -4.90 13.72 2.27
CA ARG B 348 -6.03 13.01 1.71
C ARG B 348 -6.59 13.65 0.42
N GLY B 349 -6.41 14.95 0.29
CA GLY B 349 -6.98 15.71 -0.83
C GLY B 349 -5.85 16.31 -1.63
N PHE B 350 -6.02 17.58 -1.96
CA PHE B 350 -5.11 18.30 -2.90
C PHE B 350 -4.67 19.57 -2.22
N GLY B 351 -3.61 20.21 -2.68
CA GLY B 351 -3.20 21.48 -2.09
C GLY B 351 -3.28 22.52 -3.18
N SER B 352 -3.88 23.66 -2.85
CA SER B 352 -4.16 24.69 -3.85
C SER B 352 -2.84 25.32 -4.29
N SER B 353 -1.85 25.29 -3.42
CA SER B 353 -0.53 25.77 -3.83
C SER B 353 0.21 24.81 -4.88
N ASN B 354 0.10 23.50 -4.70
CA ASN B 354 0.57 22.51 -5.73
C ASN B 354 -0.24 22.69 -7.00
N ILE B 355 -1.53 22.96 -6.86
CA ILE B 355 -2.37 23.06 -8.01
C ILE B 355 -1.92 24.26 -8.85
N LYS B 356 -1.74 25.39 -8.20
CA LYS B 356 -1.22 26.54 -8.91
C LYS B 356 0.22 26.27 -9.45
N ALA B 357 1.15 25.72 -8.69
CA ALA B 357 2.48 25.45 -9.26
C ALA B 357 2.48 24.50 -10.50
N LEU B 358 1.59 23.52 -10.47
CA LEU B 358 1.39 22.56 -11.57
C LEU B 358 0.81 23.31 -12.80
N ALA B 359 -0.17 24.20 -12.60
CA ALA B 359 -0.66 25.02 -13.70
C ALA B 359 0.42 25.96 -14.27
N GLU B 360 1.30 26.46 -13.42
CA GLU B 360 2.37 27.39 -13.86
C GLU B 360 3.39 26.64 -14.74
N ALA B 361 3.67 25.40 -14.34
CA ALA B 361 4.57 24.51 -15.14
C ALA B 361 3.94 24.17 -16.48
N VAL B 362 2.64 23.89 -16.51
CA VAL B 362 1.98 23.62 -17.79
C VAL B 362 2.02 24.89 -18.70
N GLU B 363 1.82 26.06 -18.08
CA GLU B 363 1.86 27.34 -18.79
C GLU B 363 3.23 27.64 -19.42
N ARG B 364 4.31 27.49 -18.64
CA ARG B 364 5.66 27.50 -19.25
C ARG B 364 5.84 26.53 -20.41
N GLU B 365 5.54 25.25 -20.22
CA GLU B 365 5.69 24.27 -21.28
C GLU B 365 4.90 24.71 -22.53
N ARG B 366 3.82 25.46 -22.33
CA ARG B 366 2.90 25.78 -23.42
C ARG B 366 3.51 26.80 -24.36
N GLU B 367 4.47 27.61 -23.89
CA GLU B 367 5.24 28.49 -24.77
C GLU B 367 6.33 27.76 -25.59
#